data_7YK3
#
_entry.id   7YK3
#
_cell.length_a   40.530
_cell.length_b   54.550
_cell.length_c   93.090
_cell.angle_alpha   105.03
_cell.angle_beta   93.10
_cell.angle_gamma   102.69
#
_symmetry.space_group_name_H-M   'P 1'
#
loop_
_entity.id
_entity.type
_entity.pdbx_description
1 polymer 'DNA ADP-ribosyl transferase'
2 polymer 'DNA ADP-ribosyl glycohydrolase'
3 non-polymer 'PHOSPHATE ION'
4 water water
#
loop_
_entity_poly.entity_id
_entity_poly.type
_entity_poly.pdbx_seq_one_letter_code
_entity_poly.pdbx_strand_id
1 'polypeptide(L)'
;MGSSHHHHSQASMITRYKPESGFVARSGGPDRKRPHDWIVWHFTHADNLPGIITAGRLLADSAVTPTTEVAYNPVKELRR
HKVVAPDSRYPASMASDHVPFYIAARSPMLYVVCKGHSGYSGGAGPLVHLGVALGDIIDADLTWCASDGNAAASYTKFSR
QVDTLGTFVDFDLLCQRQWHNTDDDPNRQSRRAAAILVYGHVPFELVSYVCCYNTETMTRVRTLLDPVGGVRKYVIKPGM
YY
;
A,C
2 'polypeptide(L)'
;MTWGRAVILEAMRRYLQQRRAMEPWEDPAGISHLEIQKLMYFANEADPDLALDFTPGRYGPYSERVRHLLQGMEGAFTVG
LGDGTARVLANQPISLTTKGTDAITDYLATDAAADRVSAAVDTVLRVIEGFEGPYGVELLASTHWVATREGAKEPATAAA
AVRKWTKRKGRIYSDDRIGVALDRILMTA
;
B,D
#
# COMPACT_ATOMS: atom_id res chain seq x y z
N GLU A 20 -29.74 25.69 -10.55
CA GLU A 20 -30.84 24.75 -10.26
C GLU A 20 -30.26 23.36 -9.99
N SER A 21 -30.94 22.35 -10.55
CA SER A 21 -30.35 21.03 -10.68
C SER A 21 -29.24 21.03 -11.70
N GLY A 22 -29.21 22.04 -12.58
CA GLY A 22 -28.39 21.96 -13.76
C GLY A 22 -28.96 21.06 -14.83
N PHE A 23 -30.24 20.72 -14.74
CA PHE A 23 -30.94 19.92 -15.75
C PHE A 23 -31.74 20.88 -16.62
N VAL A 24 -31.19 21.23 -17.78
CA VAL A 24 -31.84 22.18 -18.67
C VAL A 24 -32.00 21.54 -20.04
N ALA A 25 -32.86 22.15 -20.84
CA ALA A 25 -33.16 21.72 -22.18
C ALA A 25 -33.17 22.95 -23.07
N ARG A 26 -33.23 22.75 -24.38
CA ARG A 26 -33.11 23.87 -25.29
C ARG A 26 -34.44 24.53 -25.64
N SER A 27 -35.58 23.87 -25.38
CA SER A 27 -36.90 24.42 -25.74
C SER A 27 -37.51 25.22 -24.59
N GLY A 28 -37.84 24.54 -23.51
CA GLY A 28 -38.16 25.16 -22.24
C GLY A 28 -37.46 24.36 -21.15
N GLY A 29 -38.20 23.95 -20.12
CA GLY A 29 -37.66 23.06 -19.13
C GLY A 29 -37.58 21.66 -19.72
N PRO A 30 -36.82 20.77 -19.10
CA PRO A 30 -36.68 19.41 -19.65
C PRO A 30 -38.00 18.67 -19.56
N ASP A 31 -38.28 17.86 -20.57
CA ASP A 31 -39.47 17.01 -20.55
C ASP A 31 -39.06 15.55 -20.70
N ARG A 32 -39.74 14.69 -19.95
CA ARG A 32 -39.48 13.26 -19.96
C ARG A 32 -39.55 12.66 -21.35
N LYS A 33 -40.51 13.12 -22.16
CA LYS A 33 -40.79 12.53 -23.46
C LYS A 33 -40.04 13.18 -24.62
N ARG A 34 -39.17 14.16 -24.35
CA ARG A 34 -38.37 14.82 -25.39
C ARG A 34 -36.91 14.85 -24.97
N PRO A 35 -36.24 13.69 -24.95
CA PRO A 35 -34.81 13.67 -24.59
C PRO A 35 -33.91 14.38 -25.61
N HIS A 36 -34.34 14.53 -26.87
CA HIS A 36 -33.50 15.23 -27.86
C HIS A 36 -33.21 16.67 -27.46
N ASP A 37 -34.07 17.26 -26.67
CA ASP A 37 -33.83 18.61 -26.25
C ASP A 37 -32.94 18.72 -25.00
N TRP A 38 -32.62 17.62 -24.35
CA TRP A 38 -31.81 17.74 -23.16
C TRP A 38 -30.39 18.23 -23.46
N ILE A 39 -29.94 19.14 -22.65
CA ILE A 39 -28.60 19.61 -22.77
C ILE A 39 -27.81 18.74 -21.83
N VAL A 40 -26.69 18.22 -22.30
CA VAL A 40 -25.80 17.37 -21.52
C VAL A 40 -24.46 18.05 -21.35
N TRP A 41 -23.88 17.89 -20.18
CA TRP A 41 -22.68 18.62 -19.82
C TRP A 41 -21.35 17.93 -19.56
N HIS A 42 -20.31 18.43 -20.21
CA HIS A 42 -18.96 17.97 -20.01
C HIS A 42 -18.13 19.09 -19.40
N PHE A 43 -17.50 18.79 -18.30
CA PHE A 43 -16.66 19.76 -17.61
C PHE A 43 -15.20 19.50 -17.80
N THR A 44 -14.44 20.57 -17.89
CA THR A 44 -13.00 20.47 -18.09
C THR A 44 -12.35 21.73 -17.55
N HIS A 45 -11.05 21.63 -17.29
CA HIS A 45 -10.27 22.76 -16.81
C HIS A 45 -10.00 23.76 -17.95
N ALA A 46 -10.13 25.06 -17.66
CA ALA A 46 -9.98 26.11 -18.67
C ALA A 46 -8.67 25.98 -19.44
N ASP A 47 -7.60 25.56 -18.77
CA ASP A 47 -6.33 25.42 -19.47
C ASP A 47 -6.30 24.25 -20.44
N ASN A 48 -7.23 23.29 -20.34
CA ASN A 48 -7.34 22.26 -21.38
C ASN A 48 -8.00 22.78 -22.66
N LEU A 49 -8.58 23.98 -22.64
CA LEU A 49 -9.39 24.42 -23.75
C LEU A 49 -8.56 24.73 -24.99
N PRO A 50 -7.37 25.32 -24.89
CA PRO A 50 -6.56 25.48 -26.12
C PRO A 50 -6.26 24.16 -26.81
N GLY A 51 -5.96 23.10 -26.05
CA GLY A 51 -5.75 21.80 -26.66
C GLY A 51 -7.00 21.26 -27.34
N ILE A 52 -8.17 21.46 -26.72
CA ILE A 52 -9.40 21.01 -27.34
C ILE A 52 -9.67 21.84 -28.60
N ILE A 53 -9.39 23.14 -28.54
CA ILE A 53 -9.52 24.00 -29.72
C ILE A 53 -8.64 23.47 -30.85
N THR A 54 -7.37 23.17 -30.55
CA THR A 54 -6.43 22.70 -31.56
C THR A 54 -6.95 21.45 -32.27
N ALA A 55 -7.42 20.47 -31.50
CA ALA A 55 -7.96 19.24 -32.08
C ALA A 55 -9.34 19.44 -32.72
N GLY A 56 -10.08 20.48 -32.32
CA GLY A 56 -11.43 20.66 -32.80
C GLY A 56 -12.43 19.64 -32.28
N ARG A 57 -12.12 18.97 -31.16
CA ARG A 57 -13.02 17.97 -30.61
C ARG A 57 -12.61 17.66 -29.17
N LEU A 58 -13.56 17.11 -28.42
CA LEU A 58 -13.30 16.57 -27.09
C LEU A 58 -12.91 15.12 -27.27
N LEU A 59 -11.83 14.71 -26.63
CA LEU A 59 -11.27 13.38 -26.81
C LEU A 59 -11.47 12.56 -25.55
N ALA A 60 -11.75 11.27 -25.72
CA ALA A 60 -11.84 10.36 -24.59
C ALA A 60 -10.48 10.26 -23.90
N ASP A 61 -10.52 9.85 -22.62
CA ASP A 61 -9.28 9.76 -21.84
C ASP A 61 -8.25 8.84 -22.49
N SER A 62 -8.70 7.72 -23.05
CA SER A 62 -7.78 6.79 -23.70
C SER A 62 -7.06 7.41 -24.90
N ALA A 63 -7.64 8.44 -25.53
CA ALA A 63 -7.01 9.02 -26.71
C ALA A 63 -5.63 9.54 -26.35
N VAL A 64 -5.57 10.60 -25.54
CA VAL A 64 -4.32 11.13 -25.02
C VAL A 64 -4.61 11.62 -23.61
N THR A 65 -3.54 11.94 -22.83
CA THR A 65 -3.55 12.58 -21.51
C THR A 65 -3.79 14.08 -21.64
N PRO A 66 -4.61 14.67 -20.77
CA PRO A 66 -4.96 16.09 -20.94
C PRO A 66 -3.91 17.02 -20.37
N THR A 67 -3.89 18.22 -20.96
CA THR A 67 -3.10 19.35 -20.48
C THR A 67 -2.99 19.44 -18.96
N THR A 68 -4.11 19.27 -18.25
CA THR A 68 -4.12 19.18 -16.80
C THR A 68 -5.28 18.29 -16.38
N GLU A 69 -5.01 17.40 -15.44
CA GLU A 69 -6.01 16.45 -14.97
C GLU A 69 -6.68 17.01 -13.72
N VAL A 70 -8.01 16.98 -13.70
CA VAL A 70 -8.78 17.45 -12.56
C VAL A 70 -9.27 16.25 -11.75
N ALA A 71 -9.43 15.12 -12.42
CA ALA A 71 -10.05 13.93 -11.81
C ALA A 71 -9.10 13.23 -10.84
N TYR A 72 -9.69 12.59 -9.82
CA TYR A 72 -8.89 11.74 -8.93
C TYR A 72 -8.34 10.56 -9.74
N ASN A 73 -7.04 10.29 -9.59
CA ASN A 73 -6.38 9.29 -10.42
C ASN A 73 -6.95 7.89 -10.24
N PRO A 74 -7.23 7.40 -9.01
CA PRO A 74 -7.86 6.07 -8.91
C PRO A 74 -9.24 5.98 -9.55
N VAL A 75 -10.01 7.08 -9.58
CA VAL A 75 -11.29 7.08 -10.27
C VAL A 75 -11.07 6.82 -11.76
N LYS A 76 -10.10 7.53 -12.32
CA LYS A 76 -9.83 7.41 -13.74
C LYS A 76 -9.28 6.03 -14.08
N GLU A 77 -8.43 5.46 -13.23
CA GLU A 77 -7.97 4.12 -13.49
C GLU A 77 -9.11 3.11 -13.50
N LEU A 78 -10.14 3.32 -12.66
CA LEU A 78 -11.30 2.44 -12.66
C LEU A 78 -12.02 2.45 -14.01
N ARG A 79 -12.17 3.63 -14.61
CA ARG A 79 -12.92 3.75 -15.86
C ARG A 79 -12.25 2.97 -16.99
N ARG A 80 -10.93 2.79 -16.94
CA ARG A 80 -10.25 2.01 -17.96
C ARG A 80 -10.63 0.54 -17.91
N HIS A 81 -11.29 0.09 -16.85
CA HIS A 81 -11.68 -1.32 -16.78
C HIS A 81 -13.20 -1.51 -16.70
N LYS A 82 -14.00 -0.45 -16.91
CA LYS A 82 -15.46 -0.56 -16.83
C LYS A 82 -16.02 -0.82 -18.22
N VAL A 83 -16.58 -2.01 -18.42
CA VAL A 83 -17.23 -2.37 -19.66
C VAL A 83 -18.46 -1.49 -19.88
N VAL A 84 -18.58 -0.94 -21.09
CA VAL A 84 -19.74 -0.13 -21.48
C VAL A 84 -20.37 -0.82 -22.69
N ALA A 85 -21.56 -1.40 -22.51
CA ALA A 85 -22.13 -2.26 -23.53
C ALA A 85 -23.66 -2.31 -23.49
N PRO A 86 -24.34 -1.29 -24.01
CA PRO A 86 -25.82 -1.35 -24.02
C PRO A 86 -26.37 -2.47 -24.88
N ASP A 87 -25.78 -2.75 -26.04
CA ASP A 87 -26.24 -3.73 -27.03
C ASP A 87 -25.17 -4.62 -27.54
N SER A 88 -25.57 -5.69 -28.21
CA SER A 88 -24.56 -6.53 -28.86
C SER A 88 -23.93 -5.84 -30.06
N ARG A 89 -24.58 -4.80 -30.60
CA ARG A 89 -24.06 -4.04 -31.73
C ARG A 89 -23.11 -2.94 -31.31
N TYR A 90 -22.98 -2.70 -30.00
CA TYR A 90 -22.16 -1.62 -29.49
C TYR A 90 -20.68 -2.01 -29.52
N PRO A 91 -19.79 -1.11 -29.93
CA PRO A 91 -18.37 -1.48 -30.00
C PRO A 91 -17.83 -1.89 -28.63
N ALA A 92 -16.94 -2.89 -28.65
CA ALA A 92 -16.24 -3.32 -27.44
C ALA A 92 -15.38 -2.19 -26.92
N SER A 93 -15.65 -1.75 -25.69
CA SER A 93 -15.12 -0.46 -25.28
C SER A 93 -15.27 -0.30 -23.78
N MET A 94 -14.44 0.60 -23.24
CA MET A 94 -14.42 0.92 -21.82
C MET A 94 -15.02 2.30 -21.60
N ALA A 95 -15.35 2.58 -20.33
CA ALA A 95 -15.80 3.92 -19.98
C ALA A 95 -14.78 4.97 -20.41
N SER A 96 -13.49 4.68 -20.23
CA SER A 96 -12.42 5.60 -20.62
C SER A 96 -12.35 5.81 -22.13
N ASP A 97 -12.99 4.94 -22.92
CA ASP A 97 -13.11 5.15 -24.36
C ASP A 97 -14.19 6.18 -24.71
N HIS A 98 -14.90 6.69 -23.72
CA HIS A 98 -16.02 7.60 -23.94
C HIS A 98 -15.73 8.96 -23.33
N VAL A 99 -16.38 9.98 -23.86
CA VAL A 99 -16.42 11.30 -23.25
C VAL A 99 -17.72 11.39 -22.43
N PRO A 100 -17.63 11.63 -21.11
CA PRO A 100 -18.84 11.70 -20.27
C PRO A 100 -19.50 13.07 -20.26
N PHE A 101 -20.82 13.10 -20.51
CA PHE A 101 -21.63 14.32 -20.45
C PHE A 101 -22.72 14.11 -19.40
N TYR A 102 -22.63 14.80 -18.26
CA TYR A 102 -23.61 14.60 -17.20
C TYR A 102 -24.91 15.30 -17.54
N ILE A 103 -26.03 14.65 -17.25
CA ILE A 103 -27.33 15.21 -17.61
C ILE A 103 -27.66 16.39 -16.72
N ALA A 104 -27.44 16.27 -15.42
CA ALA A 104 -27.56 17.39 -14.51
C ALA A 104 -26.17 17.99 -14.28
N ALA A 105 -26.01 19.24 -14.62
CA ALA A 105 -24.73 19.90 -14.48
C ALA A 105 -24.18 19.94 -13.04
N ARG A 106 -25.03 20.10 -12.06
CA ARG A 106 -24.51 20.08 -10.73
C ARG A 106 -24.57 18.62 -10.35
N SER A 107 -23.42 17.98 -10.45
CA SER A 107 -23.34 16.56 -10.26
C SER A 107 -22.29 16.17 -9.25
N PRO A 108 -22.36 14.93 -8.81
CA PRO A 108 -21.41 14.41 -7.84
C PRO A 108 -19.98 14.43 -8.35
N MET A 109 -19.76 14.13 -9.63
CA MET A 109 -18.40 14.12 -10.14
C MET A 109 -17.79 15.51 -10.08
N LEU A 110 -18.59 16.52 -10.36
CA LEU A 110 -18.14 17.90 -10.26
C LEU A 110 -17.83 18.27 -8.83
N TYR A 111 -18.55 17.70 -7.87
CA TYR A 111 -18.27 17.98 -6.45
C TYR A 111 -16.91 17.46 -6.06
N VAL A 112 -16.59 16.22 -6.48
CA VAL A 112 -15.28 15.63 -6.20
C VAL A 112 -14.16 16.57 -6.63
N VAL A 113 -14.24 17.05 -7.88
CA VAL A 113 -13.21 17.96 -8.39
C VAL A 113 -13.20 19.27 -7.62
N CYS A 114 -14.40 19.80 -7.30
CA CYS A 114 -14.47 21.11 -6.65
C CYS A 114 -13.97 21.06 -5.21
N LYS A 115 -14.22 19.96 -4.50
CA LYS A 115 -13.71 19.88 -3.13
C LYS A 115 -12.20 19.65 -3.12
N GLY A 116 -11.67 19.02 -4.15
CA GLY A 116 -10.23 18.87 -4.32
C GLY A 116 -9.72 17.52 -3.82
N HIS A 117 -8.49 17.21 -4.21
CA HIS A 117 -7.83 15.99 -3.77
C HIS A 117 -6.33 16.20 -3.92
N SER A 118 -5.58 15.09 -4.03
CA SER A 118 -4.13 15.20 -4.17
C SER A 118 -3.71 15.67 -5.56
N GLY A 119 -4.49 15.34 -6.60
CA GLY A 119 -4.13 15.67 -7.96
C GLY A 119 -4.56 17.04 -8.46
N TYR A 120 -5.56 17.65 -7.83
CA TYR A 120 -6.04 18.97 -8.23
C TYR A 120 -6.74 19.61 -7.03
N SER A 121 -6.59 20.92 -6.88
CA SER A 121 -7.22 21.58 -5.73
C SER A 121 -7.70 22.99 -6.07
N GLY A 122 -8.02 23.26 -7.34
CA GLY A 122 -8.31 24.61 -7.77
C GLY A 122 -9.69 25.15 -7.45
N GLY A 123 -10.62 24.30 -7.02
CA GLY A 123 -11.98 24.75 -6.83
C GLY A 123 -12.75 24.79 -8.14
N ALA A 124 -13.83 25.58 -8.15
CA ALA A 124 -14.69 25.71 -9.33
C ALA A 124 -14.21 26.77 -10.30
N GLY A 125 -13.37 27.71 -9.85
CA GLY A 125 -12.87 28.80 -10.66
C GLY A 125 -12.62 28.45 -12.12
N PRO A 126 -11.64 27.59 -12.39
CA PRO A 126 -11.24 27.29 -13.77
C PRO A 126 -12.07 26.21 -14.47
N LEU A 127 -13.14 25.70 -13.87
CA LEU A 127 -13.89 24.63 -14.50
C LEU A 127 -14.92 25.21 -15.46
N VAL A 128 -14.99 24.65 -16.65
CA VAL A 128 -15.87 25.11 -17.72
C VAL A 128 -16.80 23.97 -18.08
N HIS A 129 -18.06 24.28 -18.23
CA HIS A 129 -19.05 23.31 -18.62
C HIS A 129 -19.34 23.48 -20.10
N LEU A 130 -19.18 22.41 -20.86
CA LEU A 130 -19.48 22.43 -22.29
C LEU A 130 -20.80 21.66 -22.50
N GLY A 131 -21.84 22.38 -22.90
CA GLY A 131 -23.17 21.80 -23.05
C GLY A 131 -23.47 21.42 -24.50
N VAL A 132 -23.99 20.21 -24.67
CA VAL A 132 -24.33 19.68 -25.98
C VAL A 132 -25.74 19.13 -25.89
N ALA A 133 -26.56 19.41 -26.89
CA ALA A 133 -27.89 18.83 -26.95
C ALA A 133 -27.80 17.37 -27.39
N LEU A 134 -28.49 16.49 -26.67
CA LEU A 134 -28.46 15.07 -27.01
C LEU A 134 -28.91 14.83 -28.45
N GLY A 135 -29.94 15.57 -28.90
CA GLY A 135 -30.37 15.45 -30.27
C GLY A 135 -29.31 15.85 -31.29
N ASP A 136 -28.43 16.79 -30.92
CA ASP A 136 -27.29 17.07 -31.78
C ASP A 136 -26.29 15.92 -31.83
N ILE A 137 -26.05 15.24 -30.69
CA ILE A 137 -25.23 14.04 -30.69
C ILE A 137 -25.84 12.96 -31.58
N ILE A 138 -27.14 12.70 -31.42
CA ILE A 138 -27.81 11.68 -32.24
C ILE A 138 -27.78 12.04 -33.71
N ASP A 139 -28.22 13.26 -34.06
CA ASP A 139 -28.27 13.66 -35.46
C ASP A 139 -26.88 13.65 -36.11
N ALA A 140 -25.82 13.73 -35.31
CA ALA A 140 -24.46 13.71 -35.84
C ALA A 140 -23.94 12.30 -36.07
N ASP A 141 -24.80 11.28 -35.95
CA ASP A 141 -24.41 9.88 -36.17
C ASP A 141 -23.21 9.48 -35.30
N LEU A 142 -23.09 10.06 -34.11
CA LEU A 142 -22.12 9.60 -33.13
C LEU A 142 -22.64 8.36 -32.42
N THR A 143 -21.72 7.51 -31.95
CA THR A 143 -22.05 6.38 -31.10
C THR A 143 -22.07 6.82 -29.63
N TRP A 144 -23.19 6.57 -28.96
CA TRP A 144 -23.38 7.05 -27.60
C TRP A 144 -24.24 6.05 -26.83
N CYS A 145 -24.19 6.15 -25.51
CA CYS A 145 -25.23 5.53 -24.69
C CYS A 145 -25.38 6.32 -23.40
N ALA A 146 -26.41 5.98 -22.64
CA ALA A 146 -26.69 6.58 -21.35
C ALA A 146 -26.45 5.55 -20.27
N SER A 147 -25.88 6.00 -19.17
CA SER A 147 -25.87 5.26 -17.91
C SER A 147 -27.02 5.77 -17.05
N ASP A 148 -27.58 4.89 -16.21
CA ASP A 148 -28.66 5.32 -15.32
C ASP A 148 -28.13 5.75 -13.94
N GLY A 149 -26.83 5.97 -13.82
CA GLY A 149 -26.23 6.33 -12.56
C GLY A 149 -24.72 6.24 -12.67
N ASN A 150 -24.05 6.21 -11.53
CA ASN A 150 -22.60 6.09 -11.47
C ASN A 150 -22.07 5.05 -12.45
N ALA A 151 -21.30 5.50 -13.44
CA ALA A 151 -20.89 4.58 -14.49
C ALA A 151 -19.96 3.48 -14.02
N ALA A 152 -19.22 3.68 -12.92
CA ALA A 152 -18.26 2.68 -12.44
C ALA A 152 -18.92 1.56 -11.67
N ALA A 153 -20.17 1.74 -11.26
CA ALA A 153 -20.79 0.78 -10.36
C ALA A 153 -21.23 -0.45 -11.14
N SER A 154 -21.11 -1.63 -10.50
CA SER A 154 -21.51 -2.86 -11.18
C SER A 154 -23.01 -2.95 -11.39
N TYR A 155 -23.82 -2.24 -10.62
CA TYR A 155 -25.27 -2.35 -10.81
C TYR A 155 -25.80 -1.29 -11.77
N THR A 156 -24.93 -0.49 -12.37
CA THR A 156 -25.36 0.50 -13.36
C THR A 156 -25.64 -0.17 -14.69
N LYS A 157 -26.68 0.30 -15.38
CA LYS A 157 -27.01 -0.18 -16.72
C LYS A 157 -26.77 0.93 -17.75
N PHE A 158 -26.46 0.51 -18.97
CA PHE A 158 -26.32 1.43 -20.09
C PHE A 158 -27.44 1.16 -21.09
N SER A 159 -27.90 2.22 -21.74
CA SER A 159 -28.92 2.06 -22.78
C SER A 159 -28.77 3.15 -23.83
N ARG A 160 -29.15 2.83 -25.08
CA ARG A 160 -29.29 3.89 -26.07
C ARG A 160 -30.71 3.94 -26.66
N GLN A 161 -31.70 3.44 -25.93
CA GLN A 161 -33.10 3.47 -26.40
C GLN A 161 -33.67 4.85 -26.12
N VAL A 162 -33.69 5.69 -27.14
CA VAL A 162 -34.09 7.10 -26.99
C VAL A 162 -35.48 7.22 -26.38
N ASP A 163 -36.44 6.40 -26.84
CA ASP A 163 -37.82 6.65 -26.42
C ASP A 163 -38.09 6.30 -24.96
N THR A 164 -37.19 5.58 -24.27
CA THR A 164 -37.41 5.27 -22.86
C THR A 164 -36.40 5.96 -21.96
N LEU A 165 -35.57 6.85 -22.52
CA LEU A 165 -34.58 7.57 -21.73
C LEU A 165 -35.24 8.25 -20.53
N GLY A 166 -36.47 8.74 -20.73
CA GLY A 166 -37.16 9.44 -19.67
C GLY A 166 -37.41 8.59 -18.44
N THR A 167 -37.83 7.34 -18.64
CA THR A 167 -37.95 6.42 -17.52
C THR A 167 -36.63 5.74 -17.16
N PHE A 168 -35.68 5.69 -18.11
CA PHE A 168 -34.44 4.95 -17.84
C PHE A 168 -33.58 5.67 -16.81
N VAL A 169 -33.34 6.97 -16.98
CA VAL A 169 -32.73 7.76 -15.90
C VAL A 169 -33.80 8.18 -14.89
N ASP A 170 -33.33 8.51 -13.69
CA ASP A 170 -34.20 8.98 -12.62
C ASP A 170 -34.49 10.45 -12.90
N PHE A 171 -35.43 10.66 -13.84
CA PHE A 171 -35.73 12.02 -14.30
C PHE A 171 -36.10 12.93 -13.14
N ASP A 172 -36.97 12.47 -12.24
CA ASP A 172 -37.40 13.32 -11.12
C ASP A 172 -36.23 13.78 -10.25
N LEU A 173 -35.37 12.85 -9.84
CA LEU A 173 -34.22 13.24 -9.04
C LEU A 173 -33.31 14.21 -9.78
N LEU A 174 -33.15 14.03 -11.08
CA LEU A 174 -32.29 14.93 -11.84
C LEU A 174 -32.84 16.33 -11.87
N CYS A 175 -34.15 16.49 -11.68
CA CYS A 175 -34.75 17.82 -11.65
C CYS A 175 -34.68 18.48 -10.28
N GLN A 176 -34.38 17.75 -9.22
CA GLN A 176 -34.44 18.35 -7.88
C GLN A 176 -33.30 19.35 -7.69
N ARG A 177 -33.58 20.39 -6.91
CA ARG A 177 -32.51 21.28 -6.48
C ARG A 177 -31.77 20.72 -5.26
N GLN A 178 -32.41 19.83 -4.52
CA GLN A 178 -31.82 19.19 -3.35
C GLN A 178 -31.79 17.70 -3.56
N TRP A 179 -30.62 17.09 -3.50
CA TRP A 179 -30.57 15.68 -3.80
C TRP A 179 -29.64 14.78 -2.99
N HIS A 180 -29.32 15.11 -1.76
CA HIS A 180 -28.39 14.30 -0.95
C HIS A 180 -28.90 12.93 -0.57
N ASN A 181 -27.99 12.04 -0.26
CA ASN A 181 -28.40 10.71 0.19
C ASN A 181 -29.20 10.78 1.49
N THR A 182 -30.10 9.81 1.69
CA THR A 182 -30.79 9.65 2.97
C THR A 182 -30.62 8.22 3.43
N ASP A 183 -31.02 7.96 4.69
CA ASP A 183 -30.90 6.61 5.23
C ASP A 183 -31.73 5.61 4.42
N ASP A 184 -32.90 6.02 3.96
CA ASP A 184 -33.72 5.08 3.20
C ASP A 184 -33.36 5.04 1.73
N ASP A 185 -32.62 6.02 1.21
CA ASP A 185 -32.14 5.97 -0.17
C ASP A 185 -30.70 6.44 -0.25
N PRO A 186 -29.73 5.54 0.01
CA PRO A 186 -28.31 5.91 -0.08
C PRO A 186 -27.76 5.83 -1.49
N ASN A 187 -28.65 5.77 -2.47
CA ASN A 187 -28.22 5.62 -3.85
C ASN A 187 -28.55 6.85 -4.67
N ARG A 188 -28.95 7.97 -4.04
CA ARG A 188 -29.37 9.16 -4.76
C ARG A 188 -28.20 9.89 -5.43
N GLN A 189 -27.06 10.03 -4.74
CA GLN A 189 -25.92 10.70 -5.38
C GLN A 189 -25.48 9.93 -6.61
N SER A 190 -25.50 8.60 -6.51
CA SER A 190 -25.09 7.77 -7.62
C SER A 190 -26.02 7.98 -8.82
N ARG A 191 -27.33 7.94 -8.60
CA ARG A 191 -28.25 8.22 -9.71
C ARG A 191 -28.12 9.65 -10.24
N ARG A 192 -27.68 10.61 -9.42
CA ARG A 192 -27.41 11.92 -9.99
C ARG A 192 -26.20 11.94 -10.93
N ALA A 193 -25.42 10.87 -11.02
CA ALA A 193 -24.28 10.83 -11.91
C ALA A 193 -24.61 10.24 -13.28
N ALA A 194 -25.90 10.16 -13.62
CA ALA A 194 -26.31 9.66 -14.93
C ALA A 194 -25.72 10.54 -16.03
N ALA A 195 -25.25 9.90 -17.09
CA ALA A 195 -24.47 10.61 -18.09
C ALA A 195 -24.69 9.98 -19.45
N ILE A 196 -24.53 10.81 -20.48
CA ILE A 196 -24.44 10.35 -21.86
C ILE A 196 -22.96 10.13 -22.16
N LEU A 197 -22.55 8.90 -22.45
CA LEU A 197 -21.17 8.63 -22.82
C LEU A 197 -21.04 8.53 -24.35
N VAL A 198 -20.26 9.43 -24.94
CA VAL A 198 -20.11 9.49 -26.39
C VAL A 198 -18.81 8.81 -26.77
N TYR A 199 -18.90 7.85 -27.67
CA TYR A 199 -17.76 6.99 -27.98
C TYR A 199 -16.77 7.74 -28.87
N GLY A 200 -15.51 7.81 -28.41
CA GLY A 200 -14.41 8.29 -29.22
C GLY A 200 -14.09 9.76 -29.08
N HIS A 201 -14.98 10.62 -29.57
CA HIS A 201 -14.74 12.06 -29.54
C HIS A 201 -16.06 12.75 -29.82
N VAL A 202 -16.10 14.04 -29.51
CA VAL A 202 -17.24 14.89 -29.82
C VAL A 202 -16.73 16.11 -30.58
N PRO A 203 -17.10 16.28 -31.86
CA PRO A 203 -16.70 17.49 -32.59
C PRO A 203 -17.09 18.73 -31.80
N PHE A 204 -16.19 19.72 -31.77
CA PHE A 204 -16.40 20.84 -30.87
C PHE A 204 -17.53 21.75 -31.34
N GLU A 205 -17.80 21.81 -32.65
CA GLU A 205 -18.93 22.60 -33.16
C GLU A 205 -20.28 22.13 -32.59
N LEU A 206 -20.36 20.94 -31.99
CA LEU A 206 -21.60 20.48 -31.38
C LEU A 206 -21.84 21.13 -30.04
N VAL A 207 -20.80 21.71 -29.43
CA VAL A 207 -20.96 22.48 -28.21
C VAL A 207 -21.76 23.72 -28.54
N SER A 208 -22.94 23.85 -27.94
CA SER A 208 -23.79 25.02 -28.12
C SER A 208 -23.99 25.81 -26.82
N TYR A 209 -23.46 25.35 -25.69
CA TYR A 209 -23.56 26.07 -24.43
C TYR A 209 -22.23 26.01 -23.70
N VAL A 210 -21.79 27.17 -23.19
CA VAL A 210 -20.61 27.25 -22.33
C VAL A 210 -21.02 27.95 -21.04
N CYS A 211 -20.77 27.28 -19.91
CA CYS A 211 -21.02 27.85 -18.58
C CYS A 211 -19.73 27.93 -17.77
N CYS A 212 -19.53 29.06 -17.10
CA CYS A 212 -18.37 29.26 -16.24
C CYS A 212 -18.82 29.70 -14.86
N TYR A 213 -17.91 29.53 -13.89
CA TYR A 213 -18.20 29.87 -12.50
C TYR A 213 -18.02 31.36 -12.23
N ASN A 214 -17.01 32.00 -12.81
CA ASN A 214 -16.70 33.40 -12.51
C ASN A 214 -16.50 34.19 -13.81
N THR A 215 -16.16 35.47 -13.66
CA THR A 215 -16.02 36.32 -14.84
C THR A 215 -14.63 36.29 -15.46
N GLU A 216 -13.58 36.09 -14.66
CA GLU A 216 -12.26 35.98 -15.27
C GLU A 216 -12.15 34.72 -16.12
N THR A 217 -12.79 33.63 -15.70
CA THR A 217 -12.80 32.43 -16.53
C THR A 217 -13.57 32.67 -17.82
N MET A 218 -14.74 33.28 -17.71
CA MET A 218 -15.53 33.52 -18.90
C MET A 218 -14.79 34.39 -19.88
N THR A 219 -14.07 35.39 -19.39
CA THR A 219 -13.31 36.27 -20.27
C THR A 219 -12.22 35.51 -21.01
N ARG A 220 -11.53 34.63 -20.30
CA ARG A 220 -10.52 33.78 -20.90
C ARG A 220 -11.15 32.80 -21.93
N VAL A 221 -12.29 32.22 -21.61
CA VAL A 221 -12.95 31.30 -22.53
C VAL A 221 -13.40 32.02 -23.80
N ARG A 222 -13.92 33.24 -23.67
CA ARG A 222 -14.40 33.95 -24.84
C ARG A 222 -13.25 34.44 -25.71
N THR A 223 -12.14 34.84 -25.09
CA THR A 223 -10.95 35.22 -25.84
C THR A 223 -10.38 34.04 -26.62
N LEU A 224 -10.67 32.81 -26.18
CA LEU A 224 -10.24 31.64 -26.93
C LEU A 224 -11.26 31.24 -27.99
N LEU A 225 -12.55 31.31 -27.68
CA LEU A 225 -13.59 30.77 -28.54
C LEU A 225 -14.08 31.75 -29.61
N ASP A 226 -13.88 33.06 -29.42
CA ASP A 226 -14.31 34.02 -30.44
C ASP A 226 -13.73 33.77 -31.82
N PRO A 227 -12.49 33.27 -32.00
CA PRO A 227 -12.03 32.97 -33.37
C PRO A 227 -12.38 31.56 -33.83
N VAL A 228 -12.59 30.65 -32.89
CA VAL A 228 -12.99 29.30 -33.25
C VAL A 228 -14.40 29.07 -33.77
N GLY A 229 -15.37 29.62 -33.06
CA GLY A 229 -16.78 29.42 -33.34
C GLY A 229 -17.59 30.65 -33.06
N GLY A 230 -18.91 30.51 -33.11
CA GLY A 230 -19.78 31.63 -32.85
C GLY A 230 -21.06 31.48 -32.05
N VAL A 231 -22.00 30.73 -32.63
CA VAL A 231 -23.32 30.56 -32.03
C VAL A 231 -23.28 29.49 -30.95
N ARG A 232 -22.87 29.99 -29.80
CA ARG A 232 -22.74 29.27 -28.56
C ARG A 232 -23.35 30.22 -27.53
N LYS A 233 -24.09 29.72 -26.56
CA LYS A 233 -24.65 30.61 -25.56
C LYS A 233 -23.74 30.52 -24.37
N TYR A 234 -23.31 31.67 -23.88
CA TYR A 234 -22.36 31.80 -22.78
C TYR A 234 -23.06 32.29 -21.52
N VAL A 235 -22.83 31.60 -20.41
CA VAL A 235 -23.55 31.88 -19.18
C VAL A 235 -22.59 31.73 -18.00
N ILE A 236 -22.71 32.63 -17.03
CA ILE A 236 -21.95 32.56 -15.78
C ILE A 236 -22.93 32.13 -14.70
N LYS A 237 -22.67 30.98 -14.08
CA LYS A 237 -23.56 30.40 -13.07
C LYS A 237 -22.74 29.77 -11.96
N PRO A 238 -22.49 30.49 -10.86
CA PRO A 238 -22.04 29.82 -9.64
C PRO A 238 -22.93 28.68 -9.21
N GLY A 239 -24.23 28.74 -9.52
CA GLY A 239 -25.17 27.74 -9.07
C GLY A 239 -24.97 26.35 -9.63
N MET A 240 -24.26 26.21 -10.76
CA MET A 240 -23.99 24.90 -11.35
C MET A 240 -22.67 24.29 -10.88
N TYR A 241 -22.10 24.80 -9.78
CA TYR A 241 -20.87 24.31 -9.18
C TYR A 241 -21.01 24.12 -7.66
N TYR A 242 -19.91 23.82 -7.00
CA TYR A 242 -19.95 23.65 -5.56
C TYR A 242 -18.97 24.60 -4.87
N MET B 1 -4.47 -7.66 20.67
CA MET B 1 -5.66 -7.37 19.87
C MET B 1 -6.33 -8.67 19.39
N THR B 2 -7.59 -8.89 19.77
CA THR B 2 -8.31 -10.05 19.27
C THR B 2 -8.41 -9.94 17.74
N TRP B 3 -8.70 -11.06 17.10
CA TRP B 3 -8.67 -10.95 15.64
C TRP B 3 -9.96 -10.41 15.05
N GLY B 4 -11.07 -10.40 15.80
CA GLY B 4 -12.26 -9.70 15.38
C GLY B 4 -12.05 -8.20 15.26
N ARG B 5 -11.36 -7.59 16.23
CA ARG B 5 -10.96 -6.19 16.09
C ARG B 5 -10.03 -6.00 14.91
N ALA B 6 -9.03 -6.88 14.75
CA ALA B 6 -8.15 -6.81 13.59
C ALA B 6 -8.92 -6.91 12.28
N VAL B 7 -9.86 -7.86 12.18
CA VAL B 7 -10.68 -7.95 10.96
C VAL B 7 -11.38 -6.62 10.70
N ILE B 8 -11.91 -6.00 11.75
CA ILE B 8 -12.54 -4.69 11.62
C ILE B 8 -11.53 -3.67 11.10
N LEU B 9 -10.38 -3.55 11.76
CA LEU B 9 -9.48 -2.46 11.38
C LEU B 9 -8.96 -2.68 9.97
N GLU B 10 -8.77 -3.94 9.58
CA GLU B 10 -8.22 -4.19 8.25
C GLU B 10 -9.27 -4.03 7.17
N ALA B 11 -10.51 -4.50 7.40
CA ALA B 11 -11.59 -4.21 6.45
C ALA B 11 -11.71 -2.72 6.20
N MET B 12 -11.69 -1.94 7.28
CA MET B 12 -11.83 -0.49 7.17
C MET B 12 -10.74 0.11 6.30
N ARG B 13 -9.49 -0.28 6.54
CA ARG B 13 -8.39 0.34 5.81
C ARG B 13 -8.51 0.07 4.31
N ARG B 14 -8.75 -1.18 3.92
CA ARG B 14 -8.79 -1.47 2.49
C ARG B 14 -10.11 -1.04 1.85
N TYR B 15 -11.24 -1.19 2.54
CA TYR B 15 -12.52 -0.78 1.95
C TYR B 15 -12.51 0.72 1.62
N LEU B 16 -12.03 1.55 2.55
CA LEU B 16 -11.95 2.99 2.30
C LEU B 16 -11.26 3.29 0.98
N GLN B 17 -10.16 2.61 0.69
CA GLN B 17 -9.45 2.88 -0.55
C GLN B 17 -10.23 2.37 -1.76
N GLN B 18 -10.93 1.24 -1.63
CA GLN B 18 -11.77 0.78 -2.74
C GLN B 18 -12.90 1.76 -2.98
N ARG B 19 -13.51 2.28 -1.91
CA ARG B 19 -14.64 3.20 -2.04
C ARG B 19 -14.22 4.56 -2.56
N ARG B 20 -12.97 4.98 -2.30
CA ARG B 20 -12.56 6.32 -2.69
C ARG B 20 -12.50 6.45 -4.21
N ALA B 21 -12.27 5.34 -4.92
CA ALA B 21 -12.27 5.31 -6.37
C ALA B 21 -13.67 5.06 -6.94
N MET B 22 -14.46 4.22 -6.28
CA MET B 22 -15.78 3.89 -6.81
C MET B 22 -16.80 5.01 -6.54
N GLU B 23 -16.93 5.47 -5.29
CA GLU B 23 -17.84 6.55 -4.94
C GLU B 23 -17.01 7.68 -4.35
N PRO B 24 -16.30 8.43 -5.19
CA PRO B 24 -15.35 9.42 -4.68
C PRO B 24 -16.03 10.58 -3.98
N TRP B 25 -17.32 10.78 -4.17
CA TRP B 25 -18.01 11.80 -3.37
C TRP B 25 -18.28 11.34 -1.94
N GLU B 26 -17.99 10.10 -1.60
CA GLU B 26 -18.19 9.69 -0.21
C GLU B 26 -17.04 10.24 0.64
N ASP B 27 -17.17 10.09 1.96
CA ASP B 27 -16.24 10.72 2.86
C ASP B 27 -14.82 10.21 2.65
N PRO B 28 -13.81 11.09 2.68
CA PRO B 28 -12.43 10.64 2.49
C PRO B 28 -11.90 9.76 3.61
N ALA B 29 -12.44 9.84 4.83
CA ALA B 29 -11.90 9.06 5.94
C ALA B 29 -12.93 8.25 6.74
N GLY B 30 -14.18 8.70 6.81
CA GLY B 30 -15.19 8.02 7.62
C GLY B 30 -15.96 6.95 6.87
N ILE B 31 -16.09 5.78 7.49
CA ILE B 31 -16.98 4.71 7.02
C ILE B 31 -18.17 4.69 7.96
N SER B 32 -19.37 4.62 7.39
CA SER B 32 -20.53 4.55 8.28
C SER B 32 -20.54 3.22 9.03
N HIS B 33 -21.06 3.28 10.25
CA HIS B 33 -21.30 2.09 11.04
C HIS B 33 -22.05 1.03 10.24
N LEU B 34 -23.05 1.42 9.47
CA LEU B 34 -23.83 0.41 8.76
C LEU B 34 -23.02 -0.26 7.67
N GLU B 35 -22.09 0.47 7.03
CA GLU B 35 -21.18 -0.15 6.07
C GLU B 35 -20.27 -1.17 6.74
N ILE B 36 -19.75 -0.84 7.94
CA ILE B 36 -18.84 -1.74 8.63
C ILE B 36 -19.58 -3.02 9.04
N GLN B 37 -20.86 -2.88 9.39
CA GLN B 37 -21.71 -4.05 9.66
C GLN B 37 -21.80 -4.96 8.43
N LYS B 38 -22.02 -4.38 7.25
CA LYS B 38 -22.10 -5.22 6.05
C LYS B 38 -20.78 -5.86 5.75
N LEU B 39 -19.68 -5.14 5.94
CA LEU B 39 -18.37 -5.72 5.70
C LEU B 39 -18.14 -6.92 6.61
N MET B 40 -18.53 -6.77 7.88
CA MET B 40 -18.30 -7.80 8.88
C MET B 40 -19.24 -8.98 8.69
N TYR B 41 -20.45 -8.72 8.22
CA TYR B 41 -21.33 -9.79 7.79
C TYR B 41 -20.63 -10.70 6.78
N PHE B 42 -20.02 -10.11 5.75
CA PHE B 42 -19.32 -10.95 4.77
C PHE B 42 -18.09 -11.60 5.38
N ALA B 43 -17.38 -10.90 6.27
CA ALA B 43 -16.23 -11.53 6.91
C ALA B 43 -16.67 -12.74 7.72
N ASN B 44 -17.78 -12.60 8.47
CA ASN B 44 -18.31 -13.71 9.24
C ASN B 44 -18.66 -14.89 8.35
N GLU B 45 -19.18 -14.61 7.15
CA GLU B 45 -19.50 -15.69 6.21
C GLU B 45 -18.24 -16.36 5.70
N ALA B 46 -17.19 -15.56 5.43
CA ALA B 46 -15.89 -16.11 5.05
C ALA B 46 -15.24 -16.87 6.19
N ASP B 47 -15.48 -16.46 7.44
CA ASP B 47 -14.82 -17.08 8.59
C ASP B 47 -15.82 -17.22 9.74
N PRO B 48 -16.60 -18.30 9.74
CA PRO B 48 -17.65 -18.49 10.75
C PRO B 48 -17.14 -18.45 12.19
N ASP B 49 -15.88 -18.87 12.43
CA ASP B 49 -15.32 -18.83 13.78
C ASP B 49 -15.35 -17.43 14.41
N LEU B 50 -15.62 -16.37 13.64
CA LEU B 50 -15.77 -15.05 14.21
C LEU B 50 -17.00 -14.98 15.14
N ALA B 51 -18.10 -15.62 14.75
CA ALA B 51 -19.23 -15.84 15.65
C ALA B 51 -19.92 -14.53 16.04
N LEU B 52 -20.23 -13.70 15.03
CA LEU B 52 -20.77 -12.37 15.31
C LEU B 52 -22.29 -12.32 15.27
N ASP B 53 -22.95 -13.43 14.98
CA ASP B 53 -24.39 -13.59 15.22
C ASP B 53 -25.21 -12.45 14.63
N PHE B 54 -25.23 -12.43 13.30
CA PHE B 54 -26.03 -11.44 12.60
C PHE B 54 -27.51 -11.82 12.56
N THR B 55 -28.36 -10.78 12.59
CA THR B 55 -29.80 -10.86 12.42
C THR B 55 -30.24 -9.93 11.29
N PRO B 56 -31.28 -10.29 10.54
CA PRO B 56 -31.70 -9.45 9.41
C PRO B 56 -32.47 -8.22 9.88
N GLY B 57 -32.37 -7.16 9.09
CA GLY B 57 -32.99 -5.90 9.46
C GLY B 57 -33.22 -5.05 8.23
N ARG B 58 -33.86 -3.90 8.46
CA ARG B 58 -34.23 -3.00 7.37
C ARG B 58 -33.02 -2.59 6.52
N TYR B 59 -31.85 -2.40 7.14
CA TYR B 59 -30.64 -2.05 6.40
C TYR B 59 -29.70 -3.24 6.22
N GLY B 60 -30.23 -4.44 6.13
CA GLY B 60 -29.40 -5.61 6.01
C GLY B 60 -29.05 -6.19 7.36
N PRO B 61 -28.16 -7.18 7.37
CA PRO B 61 -27.84 -7.85 8.62
C PRO B 61 -27.08 -6.93 9.57
N TYR B 62 -27.28 -7.18 10.85
CA TYR B 62 -26.76 -6.33 11.91
C TYR B 62 -26.27 -7.21 13.04
N SER B 63 -25.08 -6.92 13.56
CA SER B 63 -24.52 -7.67 14.67
C SER B 63 -24.31 -6.75 15.86
N GLU B 64 -24.99 -7.06 16.97
CA GLU B 64 -24.76 -6.34 18.22
C GLU B 64 -23.31 -6.48 18.68
N ARG B 65 -22.68 -7.62 18.40
CA ARG B 65 -21.30 -7.81 18.83
C ARG B 65 -20.34 -6.97 18.00
N VAL B 66 -20.64 -6.73 16.72
CA VAL B 66 -19.80 -5.82 15.94
C VAL B 66 -19.85 -4.42 16.54
N ARG B 67 -21.03 -3.99 17.00
CA ARG B 67 -21.14 -2.66 17.61
C ARG B 67 -20.39 -2.59 18.94
N HIS B 68 -20.46 -3.66 19.73
CA HIS B 68 -19.68 -3.76 20.96
C HIS B 68 -18.19 -3.66 20.69
N LEU B 69 -17.70 -4.34 19.65
CA LEU B 69 -16.29 -4.28 19.27
C LEU B 69 -15.87 -2.86 18.92
N LEU B 70 -16.69 -2.16 18.14
CA LEU B 70 -16.37 -0.81 17.73
C LEU B 70 -16.36 0.14 18.92
N GLN B 71 -17.25 -0.11 19.87
CA GLN B 71 -17.34 0.67 21.08
C GLN B 71 -16.12 0.57 21.96
N GLY B 72 -15.56 -0.61 22.08
CA GLY B 72 -14.40 -0.82 22.93
C GLY B 72 -13.14 -0.18 22.38
N MET B 73 -13.09 0.04 21.08
CA MET B 73 -11.98 0.72 20.42
C MET B 73 -12.16 2.23 20.32
N GLU B 74 -13.34 2.76 20.65
CA GLU B 74 -13.64 4.17 20.41
C GLU B 74 -12.72 5.06 21.24
N GLY B 75 -12.19 6.10 20.61
CA GLY B 75 -11.17 6.96 21.18
C GLY B 75 -9.81 6.32 21.32
N ALA B 76 -9.60 5.14 20.72
CA ALA B 76 -8.31 4.47 20.75
C ALA B 76 -7.85 4.13 19.32
N PHE B 77 -8.33 3.02 18.78
CA PHE B 77 -8.03 2.63 17.42
C PHE B 77 -8.96 3.25 16.39
N THR B 78 -10.17 3.63 16.81
CA THR B 78 -11.16 4.21 15.91
C THR B 78 -11.81 5.38 16.62
N VAL B 79 -12.49 6.21 15.83
CA VAL B 79 -13.23 7.34 16.36
C VAL B 79 -14.45 7.54 15.47
N GLY B 80 -15.55 7.97 16.08
CA GLY B 80 -16.72 8.31 15.30
C GLY B 80 -18.03 7.77 15.83
N LEU B 81 -17.98 6.67 16.57
CA LEU B 81 -19.19 6.18 17.23
C LEU B 81 -19.65 7.15 18.30
N GLY B 82 -18.71 7.85 18.93
CA GLY B 82 -19.04 8.70 20.06
C GLY B 82 -19.70 7.90 21.17
N ASP B 83 -20.58 8.57 21.91
CA ASP B 83 -21.40 7.97 22.97
C ASP B 83 -22.85 7.95 22.50
N GLY B 84 -23.23 6.87 21.81
CA GLY B 84 -24.58 6.76 21.29
C GLY B 84 -25.60 6.46 22.37
N THR B 85 -26.87 6.62 21.99
CA THR B 85 -27.97 6.27 22.87
C THR B 85 -28.12 4.75 22.96
N ALA B 86 -28.74 4.30 24.05
CA ALA B 86 -28.91 2.87 24.30
C ALA B 86 -29.88 2.27 23.31
N ARG B 87 -29.37 1.40 22.44
CA ARG B 87 -30.14 0.58 21.50
C ARG B 87 -30.77 1.37 20.37
N VAL B 88 -30.39 2.63 20.19
CA VAL B 88 -30.78 3.37 18.99
C VAL B 88 -29.88 2.95 17.85
N LEU B 89 -30.47 2.79 16.66
CA LEU B 89 -29.72 2.48 15.45
C LEU B 89 -29.07 3.77 14.96
N ALA B 90 -27.84 4.00 15.40
CA ALA B 90 -27.08 5.17 14.97
C ALA B 90 -26.14 4.75 13.84
N ASN B 91 -26.02 5.61 12.84
CA ASN B 91 -25.16 5.36 11.70
C ASN B 91 -24.19 6.54 11.58
N GLN B 92 -23.06 6.48 12.28
CA GLN B 92 -22.11 7.57 12.21
C GLN B 92 -20.90 7.19 11.37
N PRO B 93 -20.17 8.17 10.84
CA PRO B 93 -18.91 7.88 10.15
C PRO B 93 -17.81 7.52 11.14
N ILE B 94 -17.15 6.39 10.91
CA ILE B 94 -16.08 5.92 11.78
C ILE B 94 -14.76 5.94 11.00
N SER B 95 -13.73 6.52 11.63
CA SER B 95 -12.37 6.61 11.07
C SER B 95 -11.38 5.76 11.85
N LEU B 96 -10.35 5.30 11.13
CA LEU B 96 -9.16 4.72 11.76
C LEU B 96 -8.25 5.85 12.24
N THR B 97 -7.81 5.79 13.48
CA THR B 97 -6.87 6.77 13.97
C THR B 97 -5.48 6.36 13.55
N THR B 98 -4.52 7.24 13.77
CA THR B 98 -3.13 6.95 13.48
C THR B 98 -2.66 5.76 14.35
N LYS B 99 -3.11 5.68 15.57
CA LYS B 99 -2.77 4.56 16.42
C LYS B 99 -3.35 3.27 15.84
N GLY B 100 -4.58 3.34 15.35
CA GLY B 100 -5.22 2.17 14.77
C GLY B 100 -4.49 1.66 13.55
N THR B 101 -4.06 2.56 12.71
CA THR B 101 -3.34 2.21 11.52
C THR B 101 -2.03 1.57 11.95
N ASP B 102 -1.40 2.13 12.96
CA ASP B 102 -0.16 1.57 13.47
C ASP B 102 -0.39 0.21 14.09
N ALA B 103 -1.49 0.05 14.83
CA ALA B 103 -1.76 -1.23 15.47
C ALA B 103 -2.02 -2.33 14.46
N ILE B 104 -2.83 -2.07 13.43
CA ILE B 104 -3.16 -3.13 12.50
C ILE B 104 -1.96 -3.50 11.63
N THR B 105 -1.11 -2.53 11.31
CA THR B 105 0.09 -2.85 10.55
C THR B 105 1.07 -3.70 11.37
N ASP B 106 1.27 -3.32 12.65
CA ASP B 106 2.06 -4.16 13.54
C ASP B 106 1.44 -5.54 13.68
N TYR B 107 0.10 -5.61 13.79
CA TYR B 107 -0.59 -6.89 13.96
C TYR B 107 -0.33 -7.84 12.79
N LEU B 108 -0.50 -7.36 11.55
CA LEU B 108 -0.34 -8.21 10.37
C LEU B 108 1.10 -8.68 10.21
N ALA B 109 2.04 -7.94 10.80
CA ALA B 109 3.45 -8.29 10.68
C ALA B 109 3.79 -9.56 11.46
N THR B 110 3.18 -9.76 12.65
CA THR B 110 3.61 -10.80 13.58
C THR B 110 2.52 -11.74 14.12
N ASP B 111 1.25 -11.35 14.12
CA ASP B 111 0.26 -12.10 14.90
C ASP B 111 0.04 -13.51 14.36
N ALA B 112 -0.35 -14.41 15.26
CA ALA B 112 -0.62 -15.79 14.88
C ALA B 112 -1.77 -15.88 13.88
N ALA B 113 -2.77 -15.00 14.01
CA ALA B 113 -3.93 -15.02 13.13
C ALA B 113 -3.78 -14.09 11.93
N ALA B 114 -2.59 -13.52 11.70
CA ALA B 114 -2.46 -12.46 10.71
C ALA B 114 -2.88 -12.94 9.32
N ASP B 115 -2.45 -14.13 8.90
CA ASP B 115 -2.82 -14.56 7.56
C ASP B 115 -4.32 -14.84 7.45
N ARG B 116 -4.95 -15.26 8.55
CA ARG B 116 -6.38 -15.52 8.58
C ARG B 116 -7.19 -14.23 8.47
N VAL B 117 -6.75 -13.18 9.15
CA VAL B 117 -7.41 -11.87 9.01
C VAL B 117 -7.34 -11.41 7.56
N SER B 118 -6.15 -11.50 6.95
CA SER B 118 -6.01 -11.05 5.57
C SER B 118 -6.85 -11.90 4.61
N ALA B 119 -6.91 -13.21 4.85
CA ALA B 119 -7.70 -14.08 3.99
C ALA B 119 -9.18 -13.72 4.03
N ALA B 120 -9.71 -13.45 5.24
CA ALA B 120 -11.11 -13.04 5.38
C ALA B 120 -11.36 -11.69 4.72
N VAL B 121 -10.48 -10.73 4.93
CA VAL B 121 -10.65 -9.42 4.34
C VAL B 121 -10.52 -9.48 2.84
N ASP B 122 -9.54 -10.23 2.32
CA ASP B 122 -9.45 -10.40 0.87
C ASP B 122 -10.70 -11.02 0.28
N THR B 123 -11.34 -11.97 0.98
CA THR B 123 -12.58 -12.55 0.47
C THR B 123 -13.71 -11.52 0.42
N VAL B 124 -13.79 -10.65 1.41
CA VAL B 124 -14.82 -9.63 1.42
C VAL B 124 -14.65 -8.61 0.32
N LEU B 125 -13.42 -8.17 0.11
CA LEU B 125 -13.10 -7.20 -0.92
C LEU B 125 -13.44 -7.74 -2.30
N ARG B 126 -13.19 -9.01 -2.52
CA ARG B 126 -13.53 -9.67 -3.74
C ARG B 126 -15.04 -9.75 -4.01
N VAL B 127 -15.83 -10.11 -3.01
CA VAL B 127 -17.29 -10.20 -3.19
C VAL B 127 -17.92 -8.85 -3.49
N ILE B 128 -17.45 -7.78 -2.84
CA ILE B 128 -18.08 -6.48 -2.99
C ILE B 128 -17.50 -5.65 -4.14
N GLU B 129 -16.58 -6.21 -4.94
CA GLU B 129 -15.90 -5.40 -5.96
C GLU B 129 -16.91 -4.82 -6.96
N GLY B 130 -16.97 -3.49 -7.08
CA GLY B 130 -17.96 -2.83 -7.89
C GLY B 130 -19.23 -2.41 -7.16
N PHE B 131 -19.40 -2.87 -5.92
CA PHE B 131 -20.55 -2.56 -5.07
C PHE B 131 -20.15 -1.75 -3.85
N GLU B 132 -19.01 -1.07 -3.90
CA GLU B 132 -18.59 -0.28 -2.76
C GLU B 132 -19.42 1.00 -2.64
N GLY B 133 -19.59 1.46 -1.41
CA GLY B 133 -20.50 2.53 -1.09
C GLY B 133 -21.58 2.00 -0.16
N PRO B 134 -22.23 2.91 0.57
CA PRO B 134 -23.28 2.46 1.53
C PRO B 134 -24.40 1.68 0.87
N TYR B 135 -24.79 2.02 -0.36
CA TYR B 135 -25.88 1.26 -0.98
C TYR B 135 -25.41 -0.11 -1.45
N GLY B 136 -24.31 -0.14 -2.19
CA GLY B 136 -23.89 -1.37 -2.82
C GLY B 136 -23.66 -2.51 -1.85
N VAL B 137 -23.10 -2.22 -0.68
CA VAL B 137 -22.81 -3.31 0.26
C VAL B 137 -24.08 -3.76 0.99
N GLU B 138 -25.00 -2.83 1.24
CA GLU B 138 -26.33 -3.16 1.80
C GLU B 138 -27.11 -4.08 0.87
N LEU B 139 -27.17 -3.72 -0.41
CA LEU B 139 -27.80 -4.52 -1.45
C LEU B 139 -27.21 -5.93 -1.52
N LEU B 140 -25.88 -6.01 -1.63
CA LEU B 140 -25.23 -7.32 -1.66
C LEU B 140 -25.49 -8.12 -0.38
N ALA B 141 -25.36 -7.48 0.79
CA ALA B 141 -25.53 -8.21 2.04
C ALA B 141 -26.97 -8.72 2.19
N SER B 142 -27.97 -7.89 1.89
CA SER B 142 -29.36 -8.30 2.05
C SER B 142 -29.70 -9.44 1.10
N THR B 143 -29.24 -9.35 -0.15
CA THR B 143 -29.43 -10.43 -1.10
C THR B 143 -28.72 -11.69 -0.64
N HIS B 144 -27.52 -11.55 -0.10
CA HIS B 144 -26.81 -12.73 0.37
C HIS B 144 -27.57 -13.40 1.51
N TRP B 145 -28.14 -12.61 2.42
CA TRP B 145 -28.89 -13.17 3.53
C TRP B 145 -30.04 -14.03 3.03
N VAL B 146 -30.86 -13.49 2.12
CA VAL B 146 -32.02 -14.25 1.68
C VAL B 146 -31.59 -15.46 0.84
N ALA B 147 -30.46 -15.34 0.13
CA ALA B 147 -30.00 -16.47 -0.68
C ALA B 147 -29.46 -17.61 0.17
N THR B 148 -28.81 -17.32 1.30
CA THR B 148 -28.19 -18.38 2.09
C THR B 148 -29.00 -18.75 3.34
N ARG B 149 -29.88 -17.88 3.82
CA ARG B 149 -30.67 -18.16 5.00
C ARG B 149 -32.11 -18.55 4.70
N GLU B 150 -32.67 -18.15 3.56
CA GLU B 150 -34.07 -18.46 3.25
C GLU B 150 -34.23 -19.22 1.93
N GLY B 151 -33.15 -19.81 1.39
CA GLY B 151 -33.22 -20.52 0.12
C GLY B 151 -33.53 -19.70 -1.11
N ALA B 152 -33.57 -18.37 -1.00
CA ALA B 152 -34.00 -17.50 -2.09
C ALA B 152 -32.90 -17.34 -3.15
N LYS B 153 -32.65 -18.43 -3.90
CA LYS B 153 -31.58 -18.46 -4.87
C LYS B 153 -32.06 -18.24 -6.31
N GLU B 154 -33.29 -17.81 -6.50
CA GLU B 154 -33.71 -17.49 -7.85
C GLU B 154 -34.16 -16.03 -7.93
N PRO B 155 -34.01 -15.38 -9.10
CA PRO B 155 -34.33 -13.94 -9.17
C PRO B 155 -35.67 -13.55 -8.61
N ALA B 156 -36.75 -14.18 -9.08
CA ALA B 156 -38.09 -13.88 -8.57
C ALA B 156 -38.15 -14.02 -7.06
N THR B 157 -37.70 -15.16 -6.55
CA THR B 157 -37.77 -15.44 -5.11
C THR B 157 -36.92 -14.47 -4.30
N ALA B 158 -35.72 -14.09 -4.77
CA ALA B 158 -34.82 -13.26 -3.97
C ALA B 158 -35.28 -11.79 -3.92
N ALA B 159 -35.93 -11.32 -4.99
CA ALA B 159 -36.44 -9.95 -4.99
C ALA B 159 -37.51 -9.77 -3.92
N ALA B 160 -38.51 -10.64 -3.93
CA ALA B 160 -39.54 -10.60 -2.89
C ALA B 160 -38.92 -10.65 -1.51
N ALA B 161 -37.95 -11.56 -1.30
CA ALA B 161 -37.46 -11.78 0.05
C ALA B 161 -36.64 -10.60 0.54
N VAL B 162 -35.83 -10.00 -0.35
CA VAL B 162 -35.07 -8.80 -0.02
C VAL B 162 -36.00 -7.67 0.41
N ARG B 163 -37.06 -7.43 -0.37
CA ARG B 163 -37.96 -6.32 -0.09
C ARG B 163 -38.86 -6.55 1.14
N LYS B 164 -39.00 -7.79 1.62
CA LYS B 164 -39.70 -7.95 2.89
C LYS B 164 -38.88 -7.38 4.04
N TRP B 165 -37.55 -7.47 3.95
CA TRP B 165 -36.70 -6.89 4.99
C TRP B 165 -36.48 -5.39 4.76
N THR B 166 -36.30 -4.94 3.51
CA THR B 166 -35.97 -3.54 3.28
C THR B 166 -37.18 -2.60 3.39
N LYS B 167 -38.37 -3.07 3.05
CA LYS B 167 -39.60 -2.31 3.05
C LYS B 167 -39.61 -1.31 1.90
N ARG B 168 -38.63 -1.39 1.04
CA ARG B 168 -38.48 -0.39 -0.01
C ARG B 168 -38.23 -1.08 -1.35
N LYS B 169 -38.66 -0.42 -2.42
CA LYS B 169 -38.33 -0.86 -3.76
C LYS B 169 -37.68 0.29 -4.51
N GLY B 170 -38.49 1.20 -5.04
CA GLY B 170 -37.93 2.30 -5.82
C GLY B 170 -37.01 1.80 -6.91
N ARG B 171 -35.92 2.53 -7.10
CA ARG B 171 -34.91 2.15 -8.06
C ARG B 171 -33.75 1.39 -7.43
N ILE B 172 -33.80 1.17 -6.11
CA ILE B 172 -32.70 0.63 -5.33
C ILE B 172 -32.90 -0.83 -4.97
N TYR B 173 -34.16 -1.27 -4.85
CA TYR B 173 -34.45 -2.68 -4.64
C TYR B 173 -35.41 -3.23 -5.71
N SER B 174 -35.31 -2.69 -6.93
CA SER B 174 -36.00 -3.27 -8.08
C SER B 174 -35.44 -4.65 -8.39
N ASP B 175 -36.22 -5.42 -9.15
CA ASP B 175 -35.78 -6.73 -9.58
C ASP B 175 -34.41 -6.66 -10.25
N ASP B 176 -34.15 -5.59 -11.00
CA ASP B 176 -32.92 -5.49 -11.78
C ASP B 176 -31.70 -5.33 -10.87
N ARG B 177 -31.77 -4.43 -9.89
CA ARG B 177 -30.68 -4.30 -8.95
C ARG B 177 -30.46 -5.60 -8.17
N ILE B 178 -31.54 -6.23 -7.70
CA ILE B 178 -31.37 -7.47 -6.94
C ILE B 178 -30.88 -8.60 -7.84
N GLY B 179 -31.36 -8.67 -9.09
CA GLY B 179 -30.80 -9.64 -10.03
C GLY B 179 -29.29 -9.55 -10.17
N VAL B 180 -28.77 -8.34 -10.28
CA VAL B 180 -27.33 -8.15 -10.41
C VAL B 180 -26.58 -8.60 -9.16
N ALA B 181 -27.11 -8.28 -8.00
CA ALA B 181 -26.51 -8.71 -6.75
C ALA B 181 -26.54 -10.20 -6.62
N LEU B 182 -27.65 -10.81 -7.00
CA LEU B 182 -27.82 -12.24 -6.92
C LEU B 182 -26.83 -12.97 -7.80
N ASP B 183 -26.56 -12.43 -8.98
CA ASP B 183 -25.60 -13.01 -9.89
C ASP B 183 -24.20 -13.03 -9.27
N ARG B 184 -23.85 -11.96 -8.56
CA ARG B 184 -22.59 -11.88 -7.87
C ARG B 184 -22.49 -12.84 -6.70
N ILE B 185 -23.54 -12.95 -5.90
CA ILE B 185 -23.53 -13.83 -4.74
C ILE B 185 -23.36 -15.27 -5.20
N LEU B 186 -24.09 -15.63 -6.24
CA LEU B 186 -24.00 -16.94 -6.82
C LEU B 186 -22.62 -17.21 -7.43
N MET B 187 -21.95 -16.18 -7.96
CA MET B 187 -20.66 -16.42 -8.59
C MET B 187 -19.54 -16.61 -7.57
N THR B 188 -19.65 -15.95 -6.42
CA THR B 188 -18.60 -15.98 -5.42
C THR B 188 -18.90 -17.01 -4.34
N GLU C 20 5.89 11.41 5.94
CA GLU C 20 7.29 11.55 5.57
C GLU C 20 7.98 10.20 5.59
N SER C 21 7.40 9.23 4.89
CA SER C 21 7.96 7.89 4.82
C SER C 21 9.06 7.76 3.79
N GLY C 22 9.21 8.74 2.91
CA GLY C 22 10.07 8.54 1.77
C GLY C 22 9.55 7.54 0.76
N PHE C 23 8.36 6.98 0.95
CA PHE C 23 7.75 6.11 -0.05
C PHE C 23 6.80 6.98 -0.88
N VAL C 24 7.23 7.34 -2.08
CA VAL C 24 6.47 8.22 -2.95
C VAL C 24 6.33 7.59 -4.31
N ALA C 25 5.32 8.05 -5.05
CA ALA C 25 4.99 7.51 -6.36
C ALA C 25 4.71 8.67 -7.31
N ARG C 26 4.86 8.39 -8.59
CA ARG C 26 4.91 9.45 -9.60
C ARG C 26 3.54 10.03 -9.95
N SER C 27 2.44 9.45 -9.44
CA SER C 27 1.12 9.99 -9.77
C SER C 27 0.28 10.26 -8.53
N GLY C 28 0.90 10.33 -7.36
CA GLY C 28 0.19 10.55 -6.11
C GLY C 28 0.75 9.69 -5.00
N GLY C 29 -0.12 9.20 -4.11
CA GLY C 29 0.32 8.27 -3.10
C GLY C 29 0.64 6.92 -3.70
N PRO C 30 1.54 6.18 -3.07
CA PRO C 30 1.86 4.84 -3.59
C PRO C 30 0.66 3.91 -3.46
N ASP C 31 0.55 3.00 -4.42
CA ASP C 31 -0.55 2.05 -4.46
C ASP C 31 -0.04 0.62 -4.61
N ARG C 32 -0.60 -0.27 -3.81
CA ARG C 32 -0.28 -1.70 -3.87
C ARG C 32 -0.28 -2.22 -5.31
N LYS C 33 -1.38 -2.04 -6.01
CA LYS C 33 -1.55 -2.71 -7.30
C LYS C 33 -0.93 -1.93 -8.46
N ARG C 34 -0.21 -0.84 -8.22
CA ARG C 34 0.40 -0.05 -9.28
C ARG C 34 1.86 0.26 -8.95
N PRO C 35 2.70 -0.78 -8.86
CA PRO C 35 4.10 -0.56 -8.48
C PRO C 35 4.92 0.10 -9.58
N HIS C 36 4.42 0.19 -10.82
CA HIS C 36 5.10 0.95 -11.86
C HIS C 36 5.23 2.43 -11.51
N ASP C 37 4.40 2.93 -10.60
CA ASP C 37 4.46 4.33 -10.21
C ASP C 37 5.36 4.57 -9.01
N TRP C 38 5.84 3.52 -8.36
CA TRP C 38 6.69 3.70 -7.23
C TRP C 38 8.01 4.30 -7.63
N ILE C 39 8.49 5.22 -6.82
CA ILE C 39 9.77 5.80 -7.06
C ILE C 39 10.77 5.07 -6.18
N VAL C 40 11.92 4.71 -6.70
CA VAL C 40 12.92 4.00 -5.91
C VAL C 40 14.19 4.82 -5.87
N TRP C 41 14.91 4.74 -4.78
CA TRP C 41 16.02 5.61 -4.56
C TRP C 41 17.44 5.11 -4.34
N HIS C 42 18.37 5.69 -5.07
CA HIS C 42 19.75 5.34 -4.90
C HIS C 42 20.48 6.54 -4.38
N PHE C 43 21.25 6.37 -3.33
CA PHE C 43 22.01 7.46 -2.79
C PHE C 43 23.50 7.31 -3.02
N THR C 44 24.15 8.42 -3.27
CA THR C 44 25.57 8.43 -3.50
C THR C 44 26.16 9.78 -3.14
N HIS C 45 27.45 9.80 -2.91
CA HIS C 45 28.14 11.04 -2.60
C HIS C 45 28.08 11.99 -3.80
N ALA C 46 28.06 13.30 -3.51
CA ALA C 46 28.03 14.27 -4.60
C ALA C 46 29.32 14.26 -5.41
N ASP C 47 30.42 13.82 -4.81
CA ASP C 47 31.70 13.74 -5.53
C ASP C 47 31.67 12.71 -6.65
N ASN C 48 30.79 11.72 -6.56
CA ASN C 48 30.68 10.70 -7.60
C ASN C 48 29.77 11.14 -8.74
N LEU C 49 29.24 12.34 -8.70
CA LEU C 49 28.30 12.81 -9.71
C LEU C 49 29.01 13.22 -11.00
N PRO C 50 30.22 13.81 -10.96
CA PRO C 50 30.96 13.97 -12.23
C PRO C 50 31.22 12.65 -12.93
N GLY C 51 31.71 11.64 -12.21
CA GLY C 51 31.90 10.35 -12.85
C GLY C 51 30.64 9.78 -13.46
N ILE C 52 29.50 9.98 -12.80
CA ILE C 52 28.26 9.37 -13.30
C ILE C 52 27.74 10.11 -14.53
N ILE C 53 28.01 11.42 -14.67
CA ILE C 53 27.54 12.11 -15.86
C ILE C 53 28.34 11.69 -17.09
N THR C 54 29.65 11.48 -16.95
CA THR C 54 30.46 11.06 -18.10
C THR C 54 30.00 9.70 -18.60
N ALA C 55 29.94 8.72 -17.70
CA ALA C 55 29.45 7.40 -18.08
C ALA C 55 28.04 7.44 -18.62
N GLY C 56 27.27 8.46 -18.27
CA GLY C 56 25.87 8.49 -18.61
C GLY C 56 25.05 7.45 -17.89
N ARG C 57 25.59 6.87 -16.82
CA ARG C 57 24.91 5.79 -16.11
C ARG C 57 25.49 5.64 -14.72
N LEU C 58 24.66 5.15 -13.81
CA LEU C 58 25.13 4.61 -12.55
C LEU C 58 25.51 3.16 -12.77
N LEU C 59 26.67 2.76 -12.26
CA LEU C 59 27.20 1.42 -12.46
C LEU C 59 27.36 0.70 -11.12
N ALA C 60 27.40 -0.63 -11.17
CA ALA C 60 27.45 -1.42 -9.95
C ALA C 60 28.84 -1.40 -9.33
N ASP C 61 28.91 -1.82 -8.06
CA ASP C 61 30.16 -1.76 -7.32
C ASP C 61 31.22 -2.64 -7.94
N SER C 62 30.84 -3.76 -8.54
CA SER C 62 31.83 -4.68 -9.09
C SER C 62 32.56 -4.08 -10.28
N ALA C 63 31.97 -3.09 -10.95
CA ALA C 63 32.60 -2.48 -12.11
C ALA C 63 33.36 -1.19 -11.79
N VAL C 64 32.92 -0.45 -10.78
CA VAL C 64 33.49 0.86 -10.47
C VAL C 64 33.97 0.90 -9.02
N THR C 65 34.92 1.81 -8.77
CA THR C 65 35.31 2.20 -7.43
C THR C 65 35.17 3.71 -7.37
N PRO C 66 34.05 4.23 -6.87
CA PRO C 66 33.76 5.66 -6.99
C PRO C 66 34.81 6.52 -6.30
N THR C 67 34.73 7.82 -6.57
CA THR C 67 35.71 8.75 -6.01
C THR C 67 35.65 8.75 -4.48
N THR C 68 34.47 8.95 -3.93
CA THR C 68 34.24 8.91 -2.48
C THR C 68 33.17 7.87 -2.22
N GLU C 69 33.47 6.92 -1.34
CA GLU C 69 32.48 5.91 -0.98
C GLU C 69 32.04 6.10 0.46
N VAL C 70 30.73 5.95 0.68
CA VAL C 70 30.10 6.27 1.96
C VAL C 70 29.63 5.05 2.73
N ALA C 71 29.59 3.87 2.11
CA ALA C 71 29.13 2.68 2.83
C ALA C 71 30.28 2.00 3.56
N TYR C 72 29.93 1.41 4.72
CA TYR C 72 30.87 0.65 5.52
C TYR C 72 31.49 -0.48 4.68
N ASN C 73 32.80 -0.62 4.77
CA ASN C 73 33.49 -1.55 3.88
C ASN C 73 33.10 -3.01 4.11
N PRO C 74 33.02 -3.53 5.34
CA PRO C 74 32.52 -4.91 5.51
C PRO C 74 31.15 -5.13 4.91
N VAL C 75 30.32 -4.08 4.83
CA VAL C 75 29.02 -4.20 4.17
C VAL C 75 29.21 -4.49 2.68
N LYS C 76 30.01 -3.66 2.00
CA LYS C 76 30.21 -3.86 0.56
C LYS C 76 30.83 -5.21 0.27
N GLU C 77 31.76 -5.65 1.13
CA GLU C 77 32.41 -6.94 0.91
C GLU C 77 31.41 -8.07 0.93
N LEU C 78 30.40 -7.98 1.78
CA LEU C 78 29.40 -9.04 1.82
C LEU C 78 28.61 -9.07 0.51
N ARG C 79 28.44 -7.92 -0.13
CA ARG C 79 27.66 -7.86 -1.37
C ARG C 79 28.35 -8.65 -2.49
N ARG C 80 29.67 -8.74 -2.45
CA ARG C 80 30.37 -9.53 -3.44
C ARG C 80 30.13 -11.02 -3.29
N HIS C 81 29.57 -11.46 -2.16
CA HIS C 81 29.34 -12.88 -1.96
C HIS C 81 27.87 -13.23 -1.88
N LYS C 82 26.98 -12.26 -2.01
CA LYS C 82 25.55 -12.48 -1.85
C LYS C 82 24.95 -12.83 -3.21
N VAL C 83 24.53 -14.08 -3.37
CA VAL C 83 23.91 -14.51 -4.61
C VAL C 83 22.53 -13.91 -4.74
N VAL C 84 22.22 -13.38 -5.92
CA VAL C 84 20.93 -12.80 -6.24
C VAL C 84 20.37 -13.59 -7.40
N ALA C 85 19.32 -14.36 -7.16
CA ALA C 85 18.73 -15.11 -8.27
C ALA C 85 17.25 -15.36 -8.02
N PRO C 86 16.36 -14.48 -8.48
CA PRO C 86 14.93 -14.72 -8.25
C PRO C 86 14.38 -15.90 -9.05
N ASP C 87 14.97 -16.24 -10.18
CA ASP C 87 14.55 -17.39 -10.96
C ASP C 87 15.70 -17.92 -11.81
N SER C 88 15.53 -19.05 -12.46
CA SER C 88 16.60 -19.64 -13.28
C SER C 88 17.07 -18.82 -14.48
N ARG C 89 16.23 -17.94 -15.00
CA ARG C 89 16.60 -17.13 -16.13
C ARG C 89 17.42 -15.88 -15.81
N TYR C 90 17.62 -15.64 -14.52
CA TYR C 90 18.37 -14.50 -14.03
C TYR C 90 19.85 -14.72 -14.16
N PRO C 91 20.55 -13.76 -14.66
CA PRO C 91 21.98 -14.02 -14.85
C PRO C 91 22.67 -14.34 -13.53
N ALA C 92 23.59 -15.31 -13.59
CA ALA C 92 24.46 -15.59 -12.46
C ALA C 92 25.09 -14.30 -11.96
N SER C 93 24.83 -13.94 -10.72
CA SER C 93 25.22 -12.60 -10.31
C SER C 93 25.19 -12.50 -8.79
N MET C 94 25.93 -11.52 -8.31
CA MET C 94 26.00 -11.17 -6.90
C MET C 94 25.37 -9.80 -6.71
N ALA C 95 25.09 -9.46 -5.45
CA ALA C 95 24.56 -8.13 -5.17
C ALA C 95 25.52 -7.03 -5.64
N SER C 96 26.84 -7.26 -5.57
CA SER C 96 27.80 -6.24 -5.99
C SER C 96 27.71 -5.93 -7.48
N ASP C 97 27.11 -6.81 -8.27
CA ASP C 97 26.80 -6.55 -9.68
C ASP C 97 25.50 -5.77 -9.87
N HIS C 98 24.81 -5.43 -8.80
CA HIS C 98 23.58 -4.66 -8.90
C HIS C 98 23.74 -3.26 -8.33
N VAL C 99 22.90 -2.34 -8.79
CA VAL C 99 22.79 -1.00 -8.22
C VAL C 99 21.58 -1.01 -7.29
N PRO C 100 21.75 -0.80 -5.99
CA PRO C 100 20.60 -0.94 -5.08
C PRO C 100 19.76 0.33 -5.01
N PHE C 101 18.45 0.18 -5.13
CA PHE C 101 17.48 1.28 -4.99
C PHE C 101 16.50 0.91 -3.89
N TYR C 102 16.50 1.66 -2.80
CA TYR C 102 15.56 1.39 -1.72
C TYR C 102 14.21 2.02 -2.02
N ILE C 103 13.15 1.26 -1.76
CA ILE C 103 11.81 1.71 -2.09
C ILE C 103 11.43 2.93 -1.26
N ALA C 104 11.75 2.92 0.03
CA ALA C 104 11.58 4.09 0.89
C ALA C 104 12.90 4.84 0.99
N ALA C 105 12.90 6.13 0.65
CA ALA C 105 14.13 6.91 0.71
C ALA C 105 14.67 7.03 2.13
N ARG C 106 13.79 7.01 3.13
CA ARG C 106 14.21 6.96 4.52
C ARG C 106 14.38 5.51 4.93
N SER C 107 15.51 4.94 4.56
CA SER C 107 15.75 3.53 4.81
C SER C 107 16.82 3.36 5.87
N PRO C 108 16.95 2.16 6.47
CA PRO C 108 18.01 1.97 7.47
C PRO C 108 19.41 2.21 6.90
N MET C 109 19.69 1.76 5.67
CA MET C 109 21.03 1.96 5.13
C MET C 109 21.36 3.45 5.01
N LEU C 110 20.38 4.27 4.64
CA LEU C 110 20.63 5.71 4.61
C LEU C 110 20.99 6.23 6.00
N TYR C 111 20.38 5.66 7.04
CA TYR C 111 20.72 6.01 8.41
C TYR C 111 22.16 5.66 8.73
N VAL C 112 22.64 4.53 8.24
CA VAL C 112 24.00 4.07 8.52
C VAL C 112 25.02 5.07 7.99
N VAL C 113 24.87 5.46 6.73
CA VAL C 113 25.84 6.32 6.08
C VAL C 113 25.74 7.75 6.60
N CYS C 114 24.60 8.15 7.16
CA CYS C 114 24.51 9.49 7.73
C CYS C 114 25.20 9.54 9.08
N LYS C 115 24.99 8.52 9.92
CA LYS C 115 25.59 8.49 11.24
C LYS C 115 27.11 8.46 11.16
N GLY C 116 27.65 7.60 10.30
CA GLY C 116 29.09 7.60 10.12
C GLY C 116 29.74 6.38 10.71
N HIS C 117 30.75 5.86 10.00
CA HIS C 117 31.47 4.68 10.41
C HIS C 117 32.97 4.98 10.27
N SER C 118 33.78 3.93 10.22
CA SER C 118 35.23 4.06 10.10
C SER C 118 35.69 4.60 8.73
N GLY C 119 34.82 4.61 7.71
CA GLY C 119 35.24 4.97 6.38
C GLY C 119 34.58 6.22 5.81
N TYR C 120 33.57 6.73 6.50
CA TYR C 120 32.89 7.93 6.06
C TYR C 120 32.21 8.57 7.28
N SER C 121 32.34 9.90 7.38
CA SER C 121 31.76 10.64 8.49
C SER C 121 31.16 11.97 8.05
N GLY C 122 30.87 12.13 6.75
CA GLY C 122 30.38 13.38 6.20
C GLY C 122 28.94 13.74 6.55
N GLY C 123 28.15 12.77 7.01
CA GLY C 123 26.76 13.04 7.31
C GLY C 123 25.90 13.13 6.05
N ALA C 124 24.77 13.82 6.21
CA ALA C 124 23.75 13.89 5.16
C ALA C 124 24.10 14.89 4.06
N GLY C 125 24.84 15.95 4.39
CA GLY C 125 25.08 17.05 3.47
C GLY C 125 25.56 16.65 2.10
N PRO C 126 26.72 15.98 2.04
CA PRO C 126 27.27 15.57 0.74
C PRO C 126 26.46 14.52 -0.01
N LEU C 127 25.39 13.99 0.54
CA LEU C 127 24.62 12.97 -0.17
C LEU C 127 23.62 13.47 -1.18
N VAL C 128 23.45 12.70 -2.23
CA VAL C 128 22.48 12.99 -3.25
C VAL C 128 21.58 11.77 -3.38
N HIS C 129 20.29 12.01 -3.53
CA HIS C 129 19.32 10.96 -3.66
C HIS C 129 18.77 11.03 -5.06
N LEU C 130 18.83 9.94 -5.79
CA LEU C 130 18.35 9.90 -7.14
C LEU C 130 17.16 8.98 -7.21
N GLY C 131 16.05 9.48 -7.70
CA GLY C 131 14.86 8.70 -7.74
C GLY C 131 14.48 8.29 -9.13
N VAL C 132 14.19 7.02 -9.30
CA VAL C 132 13.82 6.47 -10.57
C VAL C 132 12.50 5.80 -10.47
N ALA C 133 11.62 6.05 -11.40
CA ALA C 133 10.35 5.37 -11.34
C ALA C 133 10.60 3.92 -11.69
N LEU C 134 9.95 3.03 -10.98
CA LEU C 134 10.11 1.61 -11.24
C LEU C 134 9.64 1.23 -12.64
N GLY C 135 8.52 1.81 -13.08
CA GLY C 135 8.05 1.53 -14.44
C GLY C 135 9.01 1.99 -15.52
N ASP C 136 9.93 2.91 -15.19
CA ASP C 136 10.97 3.34 -16.11
C ASP C 136 12.14 2.35 -16.16
N ILE C 137 12.41 1.68 -15.04
CA ILE C 137 13.32 0.53 -15.06
C ILE C 137 12.75 -0.57 -15.94
N ILE C 138 11.46 -0.86 -15.79
CA ILE C 138 10.81 -1.94 -16.53
C ILE C 138 10.78 -1.61 -18.01
N ASP C 139 10.32 -0.41 -18.36
CA ASP C 139 10.13 -0.07 -19.77
C ASP C 139 11.43 0.03 -20.54
N ALA C 140 12.54 0.15 -19.85
CA ALA C 140 13.81 0.27 -20.50
C ALA C 140 14.51 -1.06 -20.68
N ASP C 141 13.80 -2.14 -20.38
CA ASP C 141 14.31 -3.52 -20.51
C ASP C 141 15.56 -3.82 -19.72
N LEU C 142 15.65 -3.23 -18.55
CA LEU C 142 16.78 -3.51 -17.71
C LEU C 142 16.48 -4.77 -16.93
N THR C 143 17.52 -5.47 -16.53
CA THR C 143 17.36 -6.62 -15.65
C THR C 143 17.36 -6.13 -14.22
N TRP C 144 16.38 -6.56 -13.44
CA TRP C 144 16.17 -6.10 -12.08
C TRP C 144 15.44 -7.19 -11.30
N CYS C 145 15.48 -7.05 -9.98
CA CYS C 145 14.58 -7.79 -9.10
C CYS C 145 14.45 -7.00 -7.80
N ALA C 146 13.57 -7.47 -6.94
CA ALA C 146 13.29 -6.80 -5.68
C ALA C 146 13.50 -7.78 -4.55
N SER C 147 13.98 -7.26 -3.43
CA SER C 147 14.10 -8.00 -2.18
C SER C 147 12.91 -7.69 -1.27
N ASP C 148 12.55 -8.62 -0.40
CA ASP C 148 11.48 -8.32 0.53
C ASP C 148 12.00 -7.81 1.87
N GLY C 149 13.32 -7.70 2.00
CA GLY C 149 13.96 -7.09 3.16
C GLY C 149 15.43 -6.82 2.89
N ASN C 150 16.23 -6.88 3.95
CA ASN C 150 17.68 -6.70 3.85
C ASN C 150 18.26 -7.67 2.85
N ALA C 151 18.84 -7.12 1.76
CA ALA C 151 19.25 -7.95 0.63
C ALA C 151 20.40 -8.86 0.99
N ALA C 152 21.08 -8.62 2.11
CA ALA C 152 22.25 -9.38 2.53
C ALA C 152 21.91 -10.58 3.39
N ALA C 153 20.67 -10.70 3.85
CA ALA C 153 20.31 -11.76 4.79
C ALA C 153 19.91 -13.04 4.06
N SER C 154 20.19 -14.17 4.71
CA SER C 154 19.91 -15.47 4.09
C SER C 154 18.42 -15.78 4.03
N TYR C 155 17.59 -15.10 4.81
CA TYR C 155 16.15 -15.35 4.82
C TYR C 155 15.40 -14.44 3.85
N THR C 156 16.09 -13.53 3.19
CA THR C 156 15.45 -12.61 2.27
C THR C 156 15.20 -13.29 0.92
N LYS C 157 14.01 -13.05 0.36
CA LYS C 157 13.66 -13.55 -0.96
C LYS C 157 13.76 -12.44 -2.00
N PHE C 158 13.99 -12.84 -3.24
CA PHE C 158 14.04 -11.94 -4.38
C PHE C 158 12.94 -12.33 -5.34
N SER C 159 12.33 -11.34 -5.98
CA SER C 159 11.29 -11.61 -6.98
C SER C 159 11.33 -10.54 -8.06
N ARG C 160 10.86 -10.89 -9.25
CA ARG C 160 10.66 -9.87 -10.28
C ARG C 160 9.27 -10.01 -10.91
N GLN C 161 8.33 -10.59 -10.16
CA GLN C 161 6.93 -10.63 -10.57
C GLN C 161 6.25 -9.33 -10.14
N VAL C 162 6.00 -8.45 -11.11
CA VAL C 162 5.43 -7.14 -10.83
C VAL C 162 4.04 -7.27 -10.22
N ASP C 163 3.26 -8.25 -10.68
CA ASP C 163 1.85 -8.35 -10.34
C ASP C 163 1.64 -8.55 -8.85
N THR C 164 2.64 -9.04 -8.12
CA THR C 164 2.50 -9.35 -6.70
C THR C 164 3.51 -8.61 -5.84
N LEU C 165 4.13 -7.56 -6.38
CA LEU C 165 5.16 -6.83 -5.64
C LEU C 165 4.59 -6.13 -4.41
N GLY C 166 3.33 -5.68 -4.49
CA GLY C 166 2.74 -4.96 -3.36
C GLY C 166 2.54 -5.81 -2.13
N THR C 167 2.32 -7.12 -2.32
CA THR C 167 2.28 -8.06 -1.20
C THR C 167 3.63 -8.70 -0.92
N PHE C 168 4.53 -8.69 -1.90
CA PHE C 168 5.87 -9.25 -1.69
C PHE C 168 6.67 -8.45 -0.67
N VAL C 169 6.75 -7.12 -0.83
CA VAL C 169 7.37 -6.23 0.15
C VAL C 169 6.34 -5.88 1.23
N ASP C 170 6.83 -5.40 2.38
CA ASP C 170 5.95 -5.01 3.48
C ASP C 170 5.43 -3.61 3.21
N PHE C 171 4.48 -3.53 2.27
CA PHE C 171 4.02 -2.24 1.77
C PHE C 171 3.54 -1.32 2.87
N ASP C 172 2.78 -1.81 3.83
CA ASP C 172 2.27 -0.92 4.86
C ASP C 172 3.40 -0.40 5.75
N LEU C 173 4.41 -1.24 6.02
CA LEU C 173 5.54 -0.78 6.81
C LEU C 173 6.30 0.32 6.07
N LEU C 174 6.44 0.19 4.75
CA LEU C 174 7.17 1.19 3.99
C LEU C 174 6.46 2.54 4.00
N CYS C 175 5.15 2.54 4.20
CA CYS C 175 4.42 3.80 4.26
C CYS C 175 4.53 4.50 5.60
N GLN C 176 5.08 3.85 6.62
CA GLN C 176 5.16 4.43 7.96
C GLN C 176 6.30 5.43 8.08
N ARG C 177 6.15 6.33 9.04
CA ARG C 177 7.15 7.36 9.31
C ARG C 177 8.18 6.92 10.34
N GLN C 178 7.86 5.91 11.16
CA GLN C 178 8.83 5.31 12.08
C GLN C 178 8.70 3.80 12.04
N TRP C 179 9.82 3.11 12.28
CA TRP C 179 9.86 1.69 11.96
C TRP C 179 10.83 0.88 12.82
N HIS C 180 11.16 1.34 14.02
CA HIS C 180 12.11 0.60 14.84
C HIS C 180 11.56 -0.79 15.17
N ASN C 181 12.45 -1.68 15.55
CA ASN C 181 12.10 -3.02 15.97
C ASN C 181 11.32 -2.99 17.29
N THR C 182 10.62 -4.08 17.59
CA THR C 182 9.97 -4.26 18.88
C THR C 182 10.33 -5.62 19.44
N ASP C 183 9.90 -5.86 20.68
CA ASP C 183 10.16 -7.15 21.32
C ASP C 183 9.68 -8.31 20.45
N ASP C 184 8.43 -8.24 19.97
CA ASP C 184 7.90 -9.33 19.16
C ASP C 184 8.17 -9.20 17.66
N ASP C 185 8.68 -8.05 17.18
CA ASP C 185 9.05 -7.92 15.77
C ASP C 185 10.48 -7.37 15.64
N PRO C 186 11.49 -8.22 15.85
CA PRO C 186 12.88 -7.78 15.65
C PRO C 186 13.33 -7.76 14.20
N ASN C 187 12.41 -7.95 13.26
CA ASN C 187 12.70 -8.01 11.84
C ASN C 187 12.21 -6.75 11.12
N ARG C 188 11.78 -5.72 11.87
CA ARG C 188 11.13 -4.58 11.24
C ARG C 188 12.12 -3.70 10.47
N GLN C 189 13.31 -3.46 11.02
CA GLN C 189 14.30 -2.67 10.28
C GLN C 189 14.67 -3.35 8.97
N SER C 190 14.85 -4.67 9.03
CA SER C 190 15.22 -5.43 7.83
C SER C 190 14.15 -5.29 6.75
N ARG C 191 12.87 -5.47 7.12
CA ARG C 191 11.80 -5.35 6.13
C ARG C 191 11.74 -3.94 5.53
N ARG C 192 12.19 -2.94 6.28
CA ARG C 192 12.22 -1.57 5.78
C ARG C 192 13.35 -1.35 4.78
N ALA C 193 14.28 -2.31 4.67
CA ALA C 193 15.39 -2.23 3.73
C ALA C 193 15.06 -2.85 2.38
N ALA C 194 13.77 -3.12 2.13
CA ALA C 194 13.32 -3.66 0.85
C ALA C 194 13.87 -2.82 -0.31
N ALA C 195 14.45 -3.49 -1.29
CA ALA C 195 15.15 -2.76 -2.33
C ALA C 195 14.86 -3.32 -3.71
N ILE C 196 15.12 -2.48 -4.70
CA ILE C 196 15.13 -2.90 -6.10
C ILE C 196 16.59 -2.97 -6.50
N LEU C 197 17.05 -4.17 -6.87
CA LEU C 197 18.38 -4.33 -7.45
C LEU C 197 18.28 -4.32 -8.97
N VAL C 198 19.05 -3.46 -9.60
CA VAL C 198 19.11 -3.37 -11.06
C VAL C 198 20.46 -3.92 -11.49
N TYR C 199 20.45 -4.91 -12.38
CA TYR C 199 21.68 -5.60 -12.77
C TYR C 199 22.50 -4.72 -13.71
N GLY C 200 23.76 -4.49 -13.34
CA GLY C 200 24.71 -3.86 -14.24
C GLY C 200 24.80 -2.35 -14.20
N HIS C 201 23.86 -1.68 -14.85
CA HIS C 201 23.90 -0.23 -14.93
C HIS C 201 22.48 0.30 -14.99
N VAL C 202 22.35 1.57 -14.61
CA VAL C 202 21.12 2.34 -14.77
C VAL C 202 21.46 3.60 -15.58
N PRO C 203 20.94 3.76 -16.79
CA PRO C 203 21.20 5.00 -17.54
C PRO C 203 20.62 6.21 -16.82
N PHE C 204 21.32 7.34 -16.94
CA PHE C 204 20.94 8.50 -16.14
C PHE C 204 19.63 9.14 -16.61
N GLU C 205 19.23 8.95 -17.86
CA GLU C 205 17.98 9.54 -18.32
C GLU C 205 16.76 9.06 -17.52
N LEU C 206 16.85 7.89 -16.86
CA LEU C 206 15.72 7.39 -16.08
C LEU C 206 15.56 8.08 -14.74
N VAL C 207 16.51 8.91 -14.32
CA VAL C 207 16.38 9.62 -13.04
C VAL C 207 15.36 10.73 -13.21
N SER C 208 14.30 10.68 -12.40
CA SER C 208 13.26 11.70 -12.44
C SER C 208 13.34 12.68 -11.28
N TYR C 209 13.87 12.26 -10.14
CA TYR C 209 13.88 13.07 -8.94
C TYR C 209 15.30 13.14 -8.42
N VAL C 210 15.68 14.31 -7.91
CA VAL C 210 16.98 14.48 -7.29
C VAL C 210 16.72 15.18 -5.96
N CYS C 211 17.06 14.53 -4.86
CA CYS C 211 16.84 15.08 -3.54
C CYS C 211 18.17 15.32 -2.84
N CYS C 212 18.25 16.44 -2.12
CA CYS C 212 19.47 16.87 -1.44
C CYS C 212 19.09 17.40 -0.06
N TYR C 213 20.05 17.36 0.85
CA TYR C 213 19.83 17.76 2.24
C TYR C 213 20.41 19.11 2.57
N ASN C 214 21.04 19.76 1.60
CA ASN C 214 21.85 20.92 1.89
C ASN C 214 21.81 21.82 0.67
N THR C 215 21.67 23.13 0.90
CA THR C 215 21.66 24.10 -0.19
C THR C 215 22.97 24.10 -0.98
N GLU C 216 24.12 24.08 -0.28
CA GLU C 216 25.40 24.00 -0.98
C GLU C 216 25.45 22.80 -1.91
N THR C 217 25.09 21.62 -1.40
CA THR C 217 25.11 20.42 -2.22
C THR C 217 24.13 20.55 -3.38
N MET C 218 22.90 21.00 -3.10
CA MET C 218 21.91 21.17 -4.16
C MET C 218 22.37 22.16 -5.22
N THR C 219 23.05 23.22 -4.79
CA THR C 219 23.55 24.20 -5.73
C THR C 219 24.60 23.55 -6.64
N ARG C 220 25.53 22.79 -6.06
CA ARG C 220 26.57 22.14 -6.84
C ARG C 220 25.97 21.17 -7.81
N VAL C 221 25.02 20.39 -7.32
CA VAL C 221 24.40 19.37 -8.13
C VAL C 221 23.69 20.04 -9.24
N ARG C 222 23.05 21.14 -8.94
CA ARG C 222 22.36 21.86 -10.01
C ARG C 222 23.33 22.40 -11.00
N THR C 223 24.43 22.90 -10.50
CA THR C 223 25.44 23.42 -11.42
C THR C 223 25.86 22.33 -12.42
N LEU C 224 26.39 21.22 -11.91
CA LEU C 224 27.01 20.23 -12.79
C LEU C 224 26.00 19.28 -13.42
N LEU C 225 24.72 19.56 -13.31
CA LEU C 225 23.77 18.72 -13.96
C LEU C 225 22.94 19.45 -14.96
N ASP C 226 23.13 20.76 -15.03
CA ASP C 226 22.39 21.58 -15.97
C ASP C 226 22.77 21.22 -17.37
N PRO C 227 24.06 20.98 -17.60
CA PRO C 227 24.59 20.43 -18.84
C PRO C 227 24.66 18.90 -18.74
N VAL C 228 23.53 18.31 -18.42
CA VAL C 228 23.32 16.89 -18.41
C VAL C 228 21.89 16.75 -18.91
N GLY C 229 21.67 15.79 -19.77
CA GLY C 229 20.36 15.62 -20.35
C GLY C 229 19.37 15.05 -19.40
N GLY C 230 18.10 15.22 -19.69
CA GLY C 230 17.09 14.67 -18.84
C GLY C 230 16.36 15.74 -18.08
N VAL C 231 15.15 15.39 -17.70
CA VAL C 231 14.26 16.28 -17.02
C VAL C 231 14.12 15.74 -15.61
N ARG C 232 14.55 16.54 -14.69
CA ARG C 232 14.62 16.12 -13.29
C ARG C 232 13.84 17.09 -12.40
N LYS C 233 13.06 16.53 -11.47
CA LYS C 233 12.46 17.33 -10.41
C LYS C 233 13.42 17.36 -9.23
N TYR C 234 13.73 18.56 -8.75
CA TYR C 234 14.69 18.74 -7.66
C TYR C 234 13.93 19.12 -6.40
N VAL C 235 14.23 18.45 -5.29
CA VAL C 235 13.61 18.78 -4.01
C VAL C 235 14.68 18.81 -2.93
N ILE C 236 14.67 19.86 -2.13
CA ILE C 236 15.60 20.02 -1.04
C ILE C 236 14.81 19.79 0.21
N LYS C 237 15.39 19.07 1.15
CA LYS C 237 14.76 18.74 2.37
C LYS C 237 15.64 19.06 3.54
N PRO C 238 15.05 19.35 4.70
CA PRO C 238 15.97 19.44 5.83
C PRO C 238 16.46 18.01 6.07
N GLY C 239 15.58 17.03 6.05
CA GLY C 239 15.95 15.64 6.22
C GLY C 239 14.93 14.63 5.70
N MET C 240 15.40 13.50 5.17
CA MET C 240 14.55 12.40 4.70
C MET C 240 15.46 11.22 4.40
N MET D 1 40.76 -17.57 33.83
CA MET D 1 39.45 -17.51 33.18
C MET D 1 38.97 -18.85 32.63
N THR D 2 37.74 -19.24 32.98
CA THR D 2 37.25 -20.53 32.55
C THR D 2 36.96 -20.51 31.06
N TRP D 3 37.06 -21.68 30.43
CA TRP D 3 36.89 -21.77 28.98
C TRP D 3 35.44 -21.49 28.58
N GLY D 4 34.46 -21.92 29.39
CA GLY D 4 33.08 -21.58 29.10
C GLY D 4 32.86 -20.08 29.10
N ARG D 5 33.54 -19.39 30.00
CA ARG D 5 33.45 -17.93 30.03
C ARG D 5 34.17 -17.31 28.83
N ALA D 6 35.29 -17.92 28.41
CA ALA D 6 35.96 -17.46 27.21
C ALA D 6 35.10 -17.64 25.98
N VAL D 7 34.26 -18.68 25.93
CA VAL D 7 33.36 -18.84 24.78
C VAL D 7 32.42 -17.65 24.70
N ILE D 8 31.82 -17.26 25.83
CA ILE D 8 30.94 -16.10 25.86
C ILE D 8 31.67 -14.88 25.32
N LEU D 9 32.89 -14.63 25.81
CA LEU D 9 33.54 -13.38 25.41
C LEU D 9 33.92 -13.40 23.95
N GLU D 10 34.41 -14.54 23.45
CA GLU D 10 34.87 -14.62 22.08
C GLU D 10 33.71 -14.68 21.09
N ALA D 11 32.61 -15.35 21.45
CA ALA D 11 31.44 -15.27 20.60
C ALA D 11 30.93 -13.83 20.52
N MET D 12 31.03 -13.09 21.61
CA MET D 12 30.59 -11.69 21.61
C MET D 12 31.44 -10.84 20.68
N ARG D 13 32.76 -10.94 20.82
CA ARG D 13 33.63 -10.07 20.01
C ARG D 13 33.46 -10.37 18.53
N ARG D 14 33.32 -11.65 18.18
CA ARG D 14 33.27 -12.04 16.78
C ARG D 14 31.88 -11.85 16.19
N TYR D 15 30.82 -12.18 16.95
CA TYR D 15 29.46 -11.95 16.47
C TYR D 15 29.22 -10.47 16.18
N LEU D 16 29.61 -9.60 17.11
CA LEU D 16 29.49 -8.16 16.90
C LEU D 16 30.05 -7.74 15.54
N GLN D 17 31.20 -8.29 15.14
CA GLN D 17 31.78 -7.87 13.86
C GLN D 17 30.97 -8.42 12.69
N GLN D 18 30.46 -9.67 12.77
CA GLN D 18 29.64 -10.20 11.69
C GLN D 18 28.31 -9.44 11.57
N ARG D 19 27.66 -9.16 12.71
CA ARG D 19 26.39 -8.42 12.68
C ARG D 19 26.57 -7.03 12.06
N ARG D 20 27.68 -6.37 12.35
CA ARG D 20 27.92 -5.03 11.83
C ARG D 20 28.00 -5.02 10.31
N ALA D 21 28.46 -6.11 9.70
CA ALA D 21 28.42 -6.21 8.24
C ALA D 21 27.01 -6.57 7.74
N MET D 22 26.28 -7.42 8.48
CA MET D 22 24.99 -7.94 8.02
C MET D 22 23.84 -6.96 8.32
N GLU D 23 23.78 -6.47 9.54
CA GLU D 23 22.74 -5.54 9.99
C GLU D 23 23.45 -4.30 10.54
N PRO D 24 23.99 -3.47 9.66
CA PRO D 24 24.87 -2.38 10.10
C PRO D 24 24.15 -1.23 10.79
N TRP D 25 22.82 -1.29 10.93
CA TRP D 25 22.08 -0.32 11.72
C TRP D 25 22.00 -0.70 13.19
N GLU D 26 22.44 -1.90 13.56
CA GLU D 26 22.37 -2.28 14.96
C GLU D 26 23.54 -1.65 15.74
N ASP D 27 23.46 -1.75 17.07
CA ASP D 27 24.40 -1.15 18.00
C ASP D 27 25.83 -1.58 17.67
N PRO D 28 26.75 -0.63 17.44
CA PRO D 28 28.14 -1.01 17.11
C PRO D 28 28.90 -1.68 18.25
N ALA D 29 28.36 -1.68 19.47
CA ALA D 29 29.07 -2.10 20.67
C ALA D 29 28.33 -3.16 21.47
N GLY D 30 27.04 -2.98 21.71
CA GLY D 30 26.28 -3.86 22.60
C GLY D 30 25.50 -4.91 21.84
N ILE D 31 25.46 -6.10 22.42
CA ILE D 31 24.69 -7.22 21.88
C ILE D 31 23.59 -7.54 22.87
N SER D 32 22.37 -7.70 22.37
CA SER D 32 21.27 -7.99 23.29
C SER D 32 21.52 -9.30 24.02
N HIS D 33 21.18 -9.31 25.31
CA HIS D 33 21.30 -10.51 26.13
C HIS D 33 20.70 -11.72 25.44
N LEU D 34 19.51 -11.56 24.83
CA LEU D 34 18.85 -12.68 24.20
C LEU D 34 19.58 -13.17 22.94
N GLU D 35 20.29 -12.28 22.25
CA GLU D 35 21.19 -12.71 21.19
C GLU D 35 22.31 -13.57 21.76
N ILE D 36 22.95 -13.11 22.84
CA ILE D 36 23.99 -13.89 23.52
C ILE D 36 23.45 -15.26 23.94
N GLN D 37 22.20 -15.32 24.42
CA GLN D 37 21.61 -16.61 24.77
C GLN D 37 21.56 -17.52 23.56
N LYS D 38 21.20 -16.97 22.40
CA LYS D 38 21.10 -17.77 21.19
C LYS D 38 22.47 -18.27 20.75
N LEU D 39 23.48 -17.42 20.84
CA LEU D 39 24.83 -17.82 20.48
C LEU D 39 25.35 -18.92 21.41
N MET D 40 25.06 -18.84 22.71
CA MET D 40 25.50 -19.91 23.60
C MET D 40 24.64 -21.14 23.48
N TYR D 41 23.43 -21.02 22.96
CA TYR D 41 22.65 -22.21 22.63
C TYR D 41 23.33 -23.01 21.53
N PHE D 42 23.75 -22.36 20.45
CA PHE D 42 24.48 -23.08 19.41
C PHE D 42 25.86 -23.55 19.91
N ALA D 43 26.51 -22.75 20.76
CA ALA D 43 27.80 -23.19 21.32
C ALA D 43 27.62 -24.43 22.17
N ASN D 44 26.52 -24.49 22.94
CA ASN D 44 26.22 -25.70 23.70
C ASN D 44 25.93 -26.88 22.78
N GLU D 45 25.29 -26.63 21.64
CA GLU D 45 25.16 -27.70 20.65
C GLU D 45 26.53 -28.09 20.10
N ALA D 46 27.42 -27.13 19.89
CA ALA D 46 28.72 -27.45 19.29
C ALA D 46 29.62 -28.21 20.27
N ASP D 47 29.60 -27.82 21.55
CA ASP D 47 30.46 -28.41 22.59
C ASP D 47 29.60 -28.66 23.82
N PRO D 48 28.96 -29.84 23.91
CA PRO D 48 28.03 -30.09 25.02
C PRO D 48 28.67 -30.12 26.40
N ASP D 49 30.00 -30.24 26.48
CA ASP D 49 30.59 -30.13 27.81
C ASP D 49 30.42 -28.73 28.41
N LEU D 50 29.94 -27.75 27.64
CA LEU D 50 29.64 -26.45 28.25
C LEU D 50 28.56 -26.56 29.33
N ALA D 51 27.79 -27.65 29.35
CA ALA D 51 26.82 -27.96 30.40
C ALA D 51 25.87 -26.80 30.67
N LEU D 52 25.26 -26.29 29.61
CA LEU D 52 24.22 -25.26 29.72
C LEU D 52 22.89 -25.92 29.38
N ASP D 53 21.96 -25.89 30.33
CA ASP D 53 20.65 -26.51 30.15
C ASP D 53 19.66 -25.44 29.69
N PHE D 54 19.39 -25.43 28.39
CA PHE D 54 18.44 -24.49 27.82
C PHE D 54 17.02 -25.02 27.90
N THR D 55 16.07 -24.10 28.07
CA THR D 55 14.64 -24.37 28.04
C THR D 55 13.96 -23.49 26.99
N PRO D 56 12.94 -23.97 26.29
CA PRO D 56 12.37 -23.20 25.18
C PRO D 56 11.35 -22.18 25.67
N GLY D 57 11.21 -21.10 24.88
CA GLY D 57 10.31 -20.03 25.23
C GLY D 57 9.85 -19.27 24.01
N ARG D 58 9.01 -18.27 24.25
CA ARG D 58 8.52 -17.41 23.18
C ARG D 58 9.64 -16.81 22.34
N TYR D 59 10.82 -16.57 22.91
CA TYR D 59 11.91 -15.93 22.18
C TYR D 59 13.09 -16.87 21.98
N GLY D 60 12.84 -18.17 21.97
CA GLY D 60 13.87 -19.14 21.73
C GLY D 60 14.38 -19.78 23.00
N PRO D 61 15.35 -20.67 22.86
CA PRO D 61 15.95 -21.32 24.04
C PRO D 61 16.54 -20.29 24.99
N TYR D 62 16.38 -20.54 26.28
CA TYR D 62 16.84 -19.62 27.31
C TYR D 62 17.54 -20.41 28.39
N SER D 63 18.73 -19.98 28.79
CA SER D 63 19.53 -20.70 29.78
C SER D 63 19.77 -19.80 30.98
N GLU D 64 19.19 -20.15 32.12
CA GLU D 64 19.43 -19.38 33.33
C GLU D 64 20.91 -19.35 33.71
N ARG D 65 21.69 -20.35 33.30
CA ARG D 65 23.08 -20.33 33.72
C ARG D 65 23.94 -19.41 32.86
N VAL D 66 23.59 -19.24 31.58
CA VAL D 66 24.29 -18.23 30.79
C VAL D 66 24.09 -16.85 31.43
N ARG D 67 22.87 -16.58 31.92
CA ARG D 67 22.62 -15.29 32.56
C ARG D 67 23.42 -15.15 33.85
N HIS D 68 23.44 -16.19 34.68
CA HIS D 68 24.32 -16.19 35.85
C HIS D 68 25.78 -15.96 35.43
N LEU D 69 26.24 -16.64 34.37
CA LEU D 69 27.62 -16.44 33.91
C LEU D 69 27.87 -14.97 33.53
N LEU D 70 26.90 -14.35 32.85
CA LEU D 70 27.04 -12.96 32.46
C LEU D 70 27.02 -12.03 33.67
N GLN D 71 26.24 -12.36 34.70
CA GLN D 71 26.17 -11.44 35.83
C GLN D 71 27.42 -11.49 36.69
N GLY D 72 28.11 -12.63 36.72
CA GLY D 72 29.37 -12.70 37.44
C GLY D 72 30.45 -11.84 36.81
N MET D 73 30.36 -11.63 35.49
CA MET D 73 31.36 -10.88 34.74
C MET D 73 31.07 -9.38 34.71
N GLU D 74 29.84 -8.99 35.02
CA GLU D 74 29.37 -7.62 34.86
C GLU D 74 30.27 -6.66 35.61
N GLY D 75 30.58 -5.53 34.95
CA GLY D 75 31.43 -4.51 35.51
C GLY D 75 32.91 -4.81 35.43
N ALA D 76 33.29 -6.06 35.14
CA ALA D 76 34.68 -6.45 34.98
C ALA D 76 34.99 -6.72 33.51
N PHE D 77 34.50 -7.83 32.95
CA PHE D 77 34.73 -8.13 31.54
C PHE D 77 33.58 -7.69 30.65
N THR D 78 32.35 -7.64 31.17
CA THR D 78 31.17 -7.23 30.40
C THR D 78 30.44 -6.14 31.17
N VAL D 79 29.56 -5.45 30.47
CA VAL D 79 28.73 -4.43 31.10
C VAL D 79 27.48 -4.27 30.24
N GLY D 80 26.35 -4.05 30.92
CA GLY D 80 25.06 -3.89 30.24
C GLY D 80 23.92 -4.66 30.88
N LEU D 81 24.22 -5.67 31.69
CA LEU D 81 23.18 -6.58 32.17
C LEU D 81 22.26 -5.90 33.17
N GLY D 82 22.83 -5.16 34.13
CA GLY D 82 22.00 -4.31 34.97
C GLY D 82 21.12 -5.03 35.98
N ASP D 83 20.69 -4.29 36.98
CA ASP D 83 19.99 -4.84 38.14
C ASP D 83 18.55 -4.35 38.11
N GLY D 84 17.61 -5.26 37.91
CA GLY D 84 16.21 -4.89 37.91
C GLY D 84 15.31 -6.10 38.08
N THR D 85 14.01 -5.87 37.97
CA THR D 85 13.03 -6.96 37.99
C THR D 85 12.72 -7.39 36.56
N ARG D 87 10.65 -7.66 33.58
CA ARG D 87 10.37 -9.07 33.85
C ARG D 87 11.66 -9.74 34.28
N VAL D 88 11.58 -11.05 34.59
CA VAL D 88 12.80 -11.83 34.75
C VAL D 88 13.57 -11.88 33.43
N LEU D 89 12.90 -11.58 32.31
CA LEU D 89 13.50 -11.68 30.97
C LEU D 89 13.75 -10.30 30.34
N ALA D 90 14.24 -9.34 31.12
CA ALA D 90 14.67 -8.08 30.53
C ALA D 90 15.89 -8.30 29.65
N ASN D 91 15.93 -7.59 28.53
CA ASN D 91 16.86 -7.85 27.43
C ASN D 91 17.71 -6.61 27.20
N GLN D 92 18.61 -6.37 28.04
CA GLN D 92 19.47 -5.21 27.88
C GLN D 92 20.69 -5.53 27.00
N PRO D 93 21.30 -4.54 26.33
CA PRO D 93 22.44 -4.85 25.48
C PRO D 93 23.73 -4.93 26.28
N ILE D 94 24.53 -5.95 26.01
CA ILE D 94 25.77 -6.21 26.74
C ILE D 94 26.95 -5.94 25.84
N SER D 95 27.97 -5.29 26.41
CA SER D 95 29.18 -4.87 25.72
C SER D 95 30.40 -5.41 26.46
N LEU D 96 31.47 -5.67 25.71
CA LEU D 96 32.77 -5.95 26.30
C LEU D 96 33.37 -4.66 26.84
N THR D 97 34.19 -4.78 27.88
CA THR D 97 34.96 -3.64 28.34
C THR D 97 36.35 -3.66 27.72
N THR D 98 37.19 -2.73 28.14
CA THR D 98 38.60 -2.81 27.76
C THR D 98 39.27 -3.99 28.45
N LYS D 99 38.92 -4.23 29.72
CA LYS D 99 39.51 -5.34 30.46
C LYS D 99 39.02 -6.67 29.91
N GLY D 100 37.79 -6.70 29.37
CA GLY D 100 37.30 -7.92 28.75
C GLY D 100 37.98 -8.21 27.43
N THR D 101 38.18 -7.17 26.62
CA THR D 101 38.87 -7.38 25.35
C THR D 101 40.30 -7.82 25.58
N ASP D 102 41.02 -7.16 26.51
CA ASP D 102 42.39 -7.56 26.82
C ASP D 102 42.46 -8.98 27.36
N ALA D 103 41.43 -9.41 28.10
CA ALA D 103 41.46 -10.71 28.77
C ALA D 103 41.22 -11.85 27.79
N ILE D 104 40.28 -11.70 26.86
CA ILE D 104 40.06 -12.78 25.90
C ILE D 104 41.22 -12.85 24.92
N THR D 105 41.84 -11.72 24.62
CA THR D 105 42.98 -11.72 23.70
C THR D 105 44.17 -12.47 24.30
N ASP D 106 44.55 -12.12 25.54
CA ASP D 106 45.62 -12.84 26.22
C ASP D 106 45.29 -14.33 26.35
N TYR D 107 44.03 -14.65 26.60
CA TYR D 107 43.65 -16.04 26.84
C TYR D 107 43.83 -16.88 25.59
N LEU D 108 43.34 -16.39 24.44
CA LEU D 108 43.48 -17.13 23.19
C LEU D 108 44.92 -17.22 22.74
N ALA D 109 45.79 -16.33 23.22
CA ALA D 109 47.18 -16.37 22.80
C ALA D 109 47.95 -17.48 23.48
N THR D 110 47.56 -17.86 24.70
CA THR D 110 48.36 -18.68 25.60
C THR D 110 47.66 -19.96 26.04
N ASP D 111 46.39 -19.88 26.43
CA ASP D 111 45.77 -20.95 27.19
C ASP D 111 45.55 -22.19 26.34
N ALA D 112 45.70 -23.36 27.00
CA ALA D 112 45.64 -24.64 26.28
C ALA D 112 44.26 -24.97 25.75
N ALA D 113 43.21 -24.32 26.25
CA ALA D 113 41.85 -24.55 25.75
C ALA D 113 41.42 -23.54 24.68
N ALA D 114 42.35 -22.71 24.18
CA ALA D 114 41.96 -21.65 23.25
C ALA D 114 41.40 -22.21 21.95
N ASP D 115 41.96 -23.33 21.48
CA ASP D 115 41.47 -23.98 20.26
C ASP D 115 40.06 -24.56 20.45
N ARG D 116 39.77 -25.09 21.63
CA ARG D 116 38.41 -25.53 21.95
C ARG D 116 37.43 -24.35 21.88
N VAL D 117 37.82 -23.23 22.46
CA VAL D 117 36.98 -22.04 22.46
C VAL D 117 36.77 -21.54 21.04
N SER D 118 37.85 -21.43 20.27
CA SER D 118 37.74 -20.92 18.90
C SER D 118 36.98 -21.88 18.00
N ALA D 119 37.12 -23.19 18.21
CA ALA D 119 36.35 -24.14 17.41
C ALA D 119 34.85 -24.01 17.66
N ALA D 120 34.43 -23.94 18.93
CA ALA D 120 33.02 -23.71 19.25
C ALA D 120 32.50 -22.43 18.61
N VAL D 121 33.27 -21.37 18.72
CA VAL D 121 32.88 -20.12 18.15
C VAL D 121 32.82 -20.19 16.64
N ASP D 122 33.78 -20.86 16.02
CA ASP D 122 33.79 -21.00 14.58
C ASP D 122 32.54 -21.76 14.10
N THR D 123 32.18 -22.81 14.80
CA THR D 123 31.01 -23.57 14.46
C THR D 123 29.74 -22.72 14.61
N VAL D 124 29.69 -21.88 15.62
CA VAL D 124 28.51 -21.06 15.81
C VAL D 124 28.39 -20.04 14.68
N LEU D 125 29.48 -19.31 14.41
CA LEU D 125 29.42 -18.30 13.36
C LEU D 125 29.12 -18.93 12.01
N ARG D 126 29.58 -20.16 11.77
CA ARG D 126 29.25 -20.86 10.53
C ARG D 126 27.75 -21.11 10.40
N VAL D 127 27.11 -21.65 11.44
CA VAL D 127 25.70 -22.02 11.28
C VAL D 127 24.82 -20.79 11.18
N ILE D 128 25.21 -19.67 11.82
CA ILE D 128 24.35 -18.50 11.84
C ILE D 128 24.67 -17.49 10.75
N GLU D 129 25.60 -17.79 9.85
CA GLU D 129 25.99 -16.83 8.82
C GLU D 129 24.80 -16.49 7.94
N GLY D 130 24.61 -15.20 7.67
CA GLY D 130 23.43 -14.73 6.97
C GLY D 130 22.22 -14.59 7.85
N PHE D 131 22.29 -15.02 9.10
CA PHE D 131 21.17 -14.95 10.04
C PHE D 131 21.49 -14.05 11.22
N GLU D 132 22.51 -13.22 11.12
CA GLU D 132 22.91 -12.40 12.26
C GLU D 132 21.89 -11.32 12.52
N GLY D 133 21.79 -10.94 13.78
CA GLY D 133 20.81 -9.95 14.19
C GLY D 133 19.79 -10.62 15.08
N PRO D 134 19.10 -9.83 15.90
CA PRO D 134 18.19 -10.42 16.90
C PRO D 134 17.12 -11.31 16.31
N TYR D 135 16.66 -11.05 15.10
CA TYR D 135 15.61 -11.90 14.53
C TYR D 135 16.18 -13.19 13.97
N GLY D 136 17.27 -13.11 13.22
CA GLY D 136 17.79 -14.30 12.58
C GLY D 136 18.20 -15.37 13.57
N VAL D 137 18.84 -14.99 14.68
CA VAL D 137 19.34 -16.01 15.58
C VAL D 137 18.21 -16.60 16.42
N GLU D 138 17.21 -15.79 16.76
CA GLU D 138 16.01 -16.33 17.38
C GLU D 138 15.32 -17.31 16.44
N LEU D 139 15.14 -16.93 15.17
CA LEU D 139 14.52 -17.84 14.21
C LEU D 139 15.33 -19.12 14.05
N LEU D 140 16.66 -19.02 14.05
CA LEU D 140 17.48 -20.22 13.85
C LEU D 140 17.45 -21.12 15.07
N ALA D 141 17.54 -20.54 16.27
CA ALA D 141 17.58 -21.35 17.49
C ALA D 141 16.25 -22.06 17.73
N SER D 142 15.12 -21.36 17.53
CA SER D 142 13.81 -21.97 17.68
C SER D 142 13.61 -23.14 16.72
N THR D 143 14.05 -22.99 15.47
CA THR D 143 13.90 -24.08 14.51
C THR D 143 14.82 -25.23 14.85
N HIS D 144 16.02 -24.92 15.37
CA HIS D 144 16.92 -25.98 15.79
C HIS D 144 16.37 -26.70 17.00
N TRP D 145 15.81 -25.97 17.95
CA TRP D 145 15.21 -26.61 19.10
C TRP D 145 14.17 -27.65 18.69
N VAL D 146 13.21 -27.26 17.84
CA VAL D 146 12.14 -28.21 17.53
C VAL D 146 12.65 -29.30 16.61
N ALA D 147 13.60 -28.98 15.73
CA ALA D 147 14.15 -30.01 14.85
C ALA D 147 14.91 -31.07 15.64
N THR D 148 15.65 -30.66 16.68
CA THR D 148 16.47 -31.62 17.41
C THR D 148 15.77 -32.22 18.63
N ARG D 149 14.98 -31.44 19.38
CA ARG D 149 14.40 -31.95 20.63
C ARG D 149 12.97 -32.44 20.48
N GLU D 150 12.30 -32.11 19.37
CA GLU D 150 10.93 -32.54 19.15
C GLU D 150 10.79 -33.39 17.90
N GLY D 151 11.88 -33.69 17.21
CA GLY D 151 11.80 -34.53 16.01
C GLY D 151 10.94 -33.97 14.90
N ALA D 152 10.99 -32.67 14.66
CA ALA D 152 10.21 -31.99 13.61
C ALA D 152 11.20 -31.45 12.59
N LYS D 153 11.63 -32.32 11.69
CA LYS D 153 12.62 -32.06 10.66
C LYS D 153 12.12 -31.88 9.28
N GLU D 154 10.86 -31.63 9.14
CA GLU D 154 10.23 -31.38 7.84
C GLU D 154 9.62 -29.99 7.82
N PRO D 155 9.57 -29.34 6.64
CA PRO D 155 9.07 -27.96 6.56
C PRO D 155 7.76 -27.72 7.31
N ALA D 156 6.72 -28.47 6.98
CA ALA D 156 5.39 -28.24 7.56
C ALA D 156 5.37 -28.51 9.07
N THR D 157 6.03 -29.58 9.49
CA THR D 157 5.95 -29.97 10.89
C THR D 157 6.83 -29.10 11.77
N ALA D 158 7.91 -28.55 11.21
CA ALA D 158 8.77 -27.66 11.96
C ALA D 158 8.11 -26.31 12.18
N ALA D 159 7.40 -25.79 11.16
CA ALA D 159 6.74 -24.50 11.30
C ALA D 159 5.66 -24.54 12.38
N ALA D 160 4.88 -25.61 12.42
CA ALA D 160 3.87 -25.70 13.47
C ALA D 160 4.53 -25.85 14.82
N ALA D 161 5.60 -26.67 14.89
CA ALA D 161 6.33 -26.83 16.13
C ALA D 161 6.94 -25.50 16.59
N VAL D 162 7.58 -24.77 15.67
CA VAL D 162 8.21 -23.51 16.07
C VAL D 162 7.15 -22.53 16.61
N ARG D 163 6.02 -22.41 15.90
CA ARG D 163 4.98 -21.45 16.25
C ARG D 163 4.17 -21.86 17.49
N LYS D 164 4.24 -23.11 17.92
CA LYS D 164 3.71 -23.45 19.23
C LYS D 164 4.51 -22.80 20.36
N TRP D 165 5.79 -22.45 20.11
CA TRP D 165 6.61 -21.72 21.08
C TRP D 165 6.61 -20.20 20.85
N THR D 166 6.78 -19.75 19.61
CA THR D 166 6.88 -18.32 19.36
C THR D 166 5.52 -17.60 19.46
N LYS D 167 4.40 -18.32 19.31
CA LYS D 167 3.05 -17.74 19.34
C LYS D 167 2.91 -16.57 18.37
N ARG D 168 3.62 -16.62 17.25
CA ARG D 168 3.57 -15.56 16.25
C ARG D 168 3.62 -16.20 14.87
N LYS D 169 3.24 -15.42 13.86
CA LYS D 169 3.35 -15.89 12.47
C LYS D 169 3.53 -14.71 11.51
N GLY D 170 2.49 -14.36 10.77
CA GLY D 170 2.59 -13.23 9.85
C GLY D 170 3.79 -13.35 8.95
N ARG D 171 4.56 -12.25 8.86
CA ARG D 171 5.73 -12.23 7.99
C ARG D 171 6.97 -12.84 8.65
N ILE D 172 7.05 -12.87 9.98
CA ILE D 172 8.30 -13.26 10.62
C ILE D 172 8.39 -14.75 10.95
N TYR D 173 7.26 -15.44 11.14
CA TYR D 173 7.28 -16.89 11.39
C TYR D 173 6.41 -17.63 10.38
N SER D 174 6.44 -17.14 9.15
CA SER D 174 5.75 -17.77 8.03
C SER D 174 6.39 -19.12 7.72
N ASP D 175 5.65 -19.96 6.98
CA ASP D 175 6.22 -21.23 6.54
C ASP D 175 7.50 -21.02 5.75
N ASP D 176 7.60 -19.91 5.01
CA ASP D 176 8.76 -19.68 4.15
C ASP D 176 9.98 -19.28 4.96
N ARG D 177 9.80 -18.47 6.02
CA ARG D 177 10.95 -18.08 6.83
C ARG D 177 11.46 -19.24 7.67
N ILE D 178 10.55 -20.04 8.22
CA ILE D 178 10.97 -21.21 8.97
C ILE D 178 11.57 -22.26 8.04
N GLY D 179 11.03 -22.37 6.82
CA GLY D 179 11.61 -23.27 5.84
C GLY D 179 13.07 -22.96 5.56
N VAL D 180 13.42 -21.67 5.47
CA VAL D 180 14.81 -21.37 5.15
C VAL D 180 15.70 -21.61 6.37
N ALA D 181 15.19 -21.42 7.59
CA ALA D 181 15.99 -21.78 8.76
C ALA D 181 16.15 -23.28 8.87
N LEU D 182 15.11 -24.04 8.55
CA LEU D 182 15.23 -25.49 8.57
C LEU D 182 16.22 -25.98 7.53
N ASP D 183 16.23 -25.35 6.35
CA ASP D 183 17.21 -25.74 5.33
C ASP D 183 18.63 -25.57 5.85
N ARG D 184 18.89 -24.44 6.53
CA ARG D 184 20.20 -24.19 7.12
C ARG D 184 20.54 -25.24 8.16
N ILE D 185 19.55 -25.68 8.91
CA ILE D 185 19.77 -26.54 10.07
C ILE D 185 19.99 -27.97 9.64
N LEU D 186 19.25 -28.42 8.64
CA LEU D 186 19.49 -29.71 8.05
C LEU D 186 20.82 -29.78 7.29
N MET D 187 21.30 -28.64 6.83
CA MET D 187 22.59 -28.55 6.18
C MET D 187 23.74 -28.80 7.16
N THR D 188 23.65 -28.25 8.36
CA THR D 188 24.57 -28.49 9.46
C THR D 188 24.69 -29.98 9.77
#